data_3UJ0
#
_entry.id   3UJ0
#
_cell.length_a   189.166
_cell.length_b   78.720
_cell.length_c   134.107
_cell.angle_alpha   90.000
_cell.angle_beta   124.490
_cell.angle_gamma   90.000
#
_symmetry.space_group_name_H-M   'C 1 2 1'
#
loop_
_entity.id
_entity.type
_entity.pdbx_description
1 polymer 'Inositol 1,4,5-trisphosphate receptor type 1'
2 non-polymer D-MYO-INOSITOL-1,4,5-TRIPHOSPHATE
3 water water
#
_entity_poly.entity_id   1
_entity_poly.type   'polypeptide(L)'
_entity_poly.pdbx_seq_one_letter_code
;MSDKMSSFLHIGDIASLYAEGSTNGFISTLGLVDDRAVVQPEAGDLNNPPKKFRDALFKLAPMNRYSAQKQFWKAAKPGA
NSTTDAVLLNKLHHAADLEKKQNETENRKLLGTVIQYGNVIQLLHLKSNKYLTVNKRLPALLEKNAMRVTLDEAGNEGSW
FYIQPFYKLRSIGDSVVIGDKVVLNPVNAGQPLHASSHQLVDNPGANEVNSVNANTSWKIVLFMKWSDNKDDILKGGDVV
RLFHAEQEKFLTADEHRKKQHVFLRTTGRQSATSATSSKALWEVEVVQHDPARGGAGYWNSLFRFKHLATGHYLAAEVDP
DFEEEALEFQPSVDPDQDASRSRLRNAQEKMVYSLVSVPEGNDISSIFELDPTTLRGGDSLVPRNSYVRLRHLATNTWVH
STNIPIDKEEEKPVMLKIGTSPLKEDKEAFAIVPVSPAEVRDLDFANDASKVLGSIAGKLEKGTITQNERRSVTKLLEDL
VYFVTGGTNSGQDVLEVVFSKPNRERQKLMREQNILKQIFKLLQAPFTDAGDGPMLRLEELGDQRHAPFRHIARLAYRVL
RHSQQDYRKNQEYIAKQFGFMQKQIGYDVLAEDTITALLHNNRK
;
_entity_poly.pdbx_strand_id   A,B
#
loop_
_chem_comp.id
_chem_comp.type
_chem_comp.name
_chem_comp.formula
I3P non-polymer D-MYO-INOSITOL-1,4,5-TRIPHOSPHATE 'C6 H15 O15 P3'
#
# COMPACT_ATOMS: atom_id res chain seq x y z
N SER A 6 1.38 3.91 18.79
CA SER A 6 2.80 4.04 19.27
C SER A 6 3.80 4.16 18.10
N SER A 7 4.47 3.05 17.78
CA SER A 7 5.43 3.02 16.69
C SER A 7 5.29 1.69 15.95
N PHE A 8 5.20 1.77 14.62
CA PHE A 8 4.88 0.60 13.81
C PHE A 8 5.98 0.15 12.85
N LEU A 9 5.73 -0.97 12.18
CA LEU A 9 6.62 -1.51 11.16
C LEU A 9 6.05 -1.19 9.78
N HIS A 10 6.94 -1.05 8.80
CA HIS A 10 6.52 -0.63 7.46
C HIS A 10 7.20 -1.38 6.38
N ILE A 11 6.71 -1.18 5.16
CA ILE A 11 7.34 -1.70 3.97
C ILE A 11 8.53 -0.80 3.66
N GLY A 12 9.73 -1.34 3.83
CA GLY A 12 10.94 -0.55 3.65
C GLY A 12 11.83 -0.49 4.88
N ASP A 13 11.21 -0.55 6.06
CA ASP A 13 11.95 -0.72 7.31
C ASP A 13 12.93 -1.87 7.12
N ILE A 14 14.15 -1.68 7.61
CA ILE A 14 15.12 -2.76 7.67
C ILE A 14 15.22 -3.25 9.11
N ALA A 15 14.85 -4.49 9.35
CA ALA A 15 14.91 -5.01 10.70
C ALA A 15 15.67 -6.31 10.73
N SER A 16 15.99 -6.74 11.94
CA SER A 16 16.51 -8.08 12.20
C SER A 16 15.38 -8.90 12.85
N LEU A 17 15.47 -10.21 12.71
CA LEU A 17 14.48 -11.10 13.27
C LEU A 17 15.16 -12.02 14.28
N TYR A 18 14.74 -11.92 15.53
CA TYR A 18 15.37 -12.64 16.62
C TYR A 18 14.46 -13.75 17.12
N ALA A 19 14.88 -14.99 16.88
CA ALA A 19 14.18 -16.18 17.33
C ALA A 19 14.09 -16.20 18.85
N GLU A 20 12.95 -16.68 19.37
CA GLU A 20 12.73 -16.78 20.79
C GLU A 20 12.04 -18.08 21.19
N GLY A 21 12.33 -19.15 20.46
CA GLY A 21 11.83 -20.48 20.81
C GLY A 21 12.70 -21.13 21.87
N SER A 22 12.95 -22.42 21.71
CA SER A 22 13.90 -23.16 22.56
C SER A 22 15.33 -22.79 22.18
N THR A 23 15.53 -22.48 20.90
CA THR A 23 16.77 -21.90 20.41
C THR A 23 16.49 -20.44 20.12
N ASN A 24 17.41 -19.57 20.53
CA ASN A 24 17.32 -18.13 20.24
C ASN A 24 18.42 -17.70 19.27
N GLY A 25 18.23 -16.58 18.58
CA GLY A 25 19.27 -16.06 17.69
C GLY A 25 18.72 -15.18 16.59
N PHE A 26 19.61 -14.49 15.89
CA PHE A 26 19.24 -13.70 14.71
C PHE A 26 19.43 -14.56 13.47
N ILE A 27 18.54 -14.41 12.48
CA ILE A 27 18.68 -15.20 11.26
C ILE A 27 19.79 -14.56 10.46
N SER A 28 20.57 -15.40 9.79
CA SER A 28 21.76 -14.96 9.08
C SER A 28 22.20 -15.99 8.05
N THR A 29 23.07 -15.56 7.13
CA THR A 29 23.64 -16.45 6.12
C THR A 29 25.01 -16.98 6.56
N LEU A 30 25.52 -17.96 5.82
CA LEU A 30 26.90 -18.39 5.96
C LEU A 30 27.76 -17.74 4.87
N GLY A 31 27.13 -16.90 4.04
CA GLY A 31 27.82 -16.12 3.01
C GLY A 31 27.12 -16.05 1.67
N LEU A 32 27.87 -15.64 0.65
CA LEU A 32 27.36 -15.51 -0.72
C LEU A 32 27.65 -16.72 -1.60
N VAL A 33 28.38 -17.69 -1.05
CA VAL A 33 28.57 -18.97 -1.74
C VAL A 33 27.45 -19.92 -1.33
N ASP A 34 27.36 -20.19 -0.03
CA ASP A 34 26.41 -21.13 0.55
C ASP A 34 25.05 -20.47 0.78
N ASP A 35 24.02 -21.02 0.13
CA ASP A 35 22.66 -20.50 0.26
C ASP A 35 21.84 -21.23 1.33
N ARG A 36 22.24 -21.03 2.58
CA ARG A 36 21.52 -21.56 3.74
C ARG A 36 21.26 -20.46 4.76
N ALA A 37 20.25 -20.69 5.61
CA ALA A 37 19.89 -19.72 6.62
C ALA A 37 20.05 -20.36 7.98
N VAL A 38 20.53 -19.57 8.94
CA VAL A 38 20.82 -20.06 10.29
C VAL A 38 20.54 -19.05 11.38
N VAL A 39 20.47 -19.53 12.61
CA VAL A 39 20.60 -18.71 13.81
C VAL A 39 21.87 -19.13 14.58
N GLN A 40 22.91 -18.29 14.53
CA GLN A 40 24.10 -18.54 15.34
C GLN A 40 23.78 -17.95 16.73
N PRO A 41 23.47 -18.83 17.72
CA PRO A 41 22.85 -18.41 18.99
C PRO A 41 23.79 -17.66 19.92
N GLU A 42 25.05 -18.08 19.98
CA GLU A 42 26.03 -17.43 20.84
C GLU A 42 26.81 -16.30 20.14
N ALA A 43 26.41 -16.00 18.91
CA ALA A 43 27.00 -14.90 18.12
C ALA A 43 26.49 -13.54 18.57
N GLY A 44 25.25 -13.49 19.06
CA GLY A 44 24.66 -12.26 19.56
C GLY A 44 23.26 -12.41 20.08
N ASP A 45 22.95 -11.65 21.13
CA ASP A 45 21.62 -11.61 21.72
C ASP A 45 20.98 -10.24 21.44
N LEU A 46 19.87 -9.96 22.15
CA LEU A 46 19.27 -8.63 22.22
C LEU A 46 20.23 -7.65 22.93
N ASN A 47 20.60 -7.98 24.17
CA ASN A 47 21.52 -7.16 24.97
C ASN A 47 22.86 -6.95 24.29
N ASN A 48 23.53 -8.05 23.95
CA ASN A 48 24.78 -8.01 23.20
C ASN A 48 24.50 -8.34 21.72
N PRO A 49 24.44 -7.31 20.86
CA PRO A 49 24.20 -7.54 19.43
C PRO A 49 25.39 -8.20 18.72
N PRO A 50 25.14 -9.07 17.72
CA PRO A 50 26.16 -9.80 16.97
C PRO A 50 27.29 -8.93 16.37
N LYS A 51 28.43 -9.55 16.11
CA LYS A 51 29.62 -8.84 15.62
C LYS A 51 29.47 -8.42 14.16
N LYS A 52 29.19 -9.38 13.28
CA LYS A 52 28.92 -9.09 11.88
C LYS A 52 27.41 -8.88 11.63
N PHE A 53 26.76 -8.10 12.50
CA PHE A 53 25.29 -7.85 12.48
C PHE A 53 24.76 -7.23 11.17
N ARG A 54 25.66 -7.05 10.21
CA ARG A 54 25.30 -6.59 8.88
C ARG A 54 24.65 -7.74 8.08
N ASP A 55 24.80 -8.95 8.61
CA ASP A 55 24.28 -10.16 7.96
C ASP A 55 22.94 -10.66 8.54
N ALA A 56 22.48 -10.05 9.63
CA ALA A 56 21.17 -10.38 10.20
C ALA A 56 20.14 -9.28 9.88
N LEU A 57 20.40 -8.54 8.82
CA LEU A 57 19.51 -7.47 8.40
C LEU A 57 18.67 -7.88 7.21
N PHE A 58 17.35 -7.68 7.36
CA PHE A 58 16.37 -7.92 6.30
C PHE A 58 15.53 -6.68 6.04
N LYS A 59 15.18 -6.51 4.77
CA LYS A 59 14.20 -5.50 4.40
C LYS A 59 12.84 -6.16 4.31
N LEU A 60 11.80 -5.44 4.71
CA LEU A 60 10.44 -5.92 4.58
C LEU A 60 9.91 -5.52 3.21
N ALA A 61 9.58 -6.50 2.38
CA ALA A 61 9.14 -6.25 1.01
C ALA A 61 7.68 -6.60 0.85
N PRO A 62 6.95 -5.89 -0.04
CA PRO A 62 5.57 -6.29 -0.38
C PRO A 62 5.52 -7.66 -1.03
N MET A 63 4.32 -8.11 -1.36
CA MET A 63 4.17 -9.42 -2.01
C MET A 63 4.59 -9.30 -3.46
N ASN A 64 5.53 -10.15 -3.87
CA ASN A 64 6.00 -10.14 -5.25
C ASN A 64 5.14 -10.99 -6.19
N ARG A 65 5.21 -10.67 -7.50
CA ARG A 65 4.43 -11.36 -8.51
C ARG A 65 5.27 -12.41 -9.22
N TYR A 66 4.81 -13.66 -9.16
CA TYR A 66 5.51 -14.77 -9.78
C TYR A 66 4.55 -15.62 -10.57
N SER A 67 3.96 -15.06 -11.61
CA SER A 67 3.11 -15.84 -12.49
C SER A 67 3.78 -16.04 -13.83
N ALA A 68 4.03 -14.95 -14.54
CA ALA A 68 4.65 -15.04 -15.87
C ALA A 68 6.11 -15.44 -15.78
N GLN A 69 6.73 -15.14 -14.63
CA GLN A 69 8.10 -15.50 -14.36
C GLN A 69 8.24 -16.99 -14.08
N LYS A 70 7.26 -17.55 -13.39
CA LYS A 70 7.17 -19.00 -13.15
C LYS A 70 6.89 -19.77 -14.46
N GLN A 71 6.03 -19.23 -15.32
CA GLN A 71 5.78 -19.75 -16.67
C GLN A 71 7.07 -19.93 -17.44
N PHE A 72 7.87 -18.86 -17.47
CA PHE A 72 9.17 -18.82 -18.17
C PHE A 72 10.19 -19.84 -17.66
N TRP A 73 10.10 -20.19 -16.38
CA TRP A 73 10.93 -21.26 -15.85
C TRP A 73 10.38 -22.59 -16.27
N LYS A 74 10.07 -22.72 -17.56
CA LYS A 74 9.81 -24.01 -18.18
C LYS A 74 10.61 -24.17 -19.47
N ALA A 75 11.87 -23.71 -19.40
CA ALA A 75 12.86 -23.83 -20.47
C ALA A 75 13.59 -25.18 -20.42
N SER A 82 10.77 -27.61 -21.84
CA SER A 82 9.49 -28.12 -22.31
C SER A 82 9.05 -27.50 -23.65
N THR A 83 10.01 -26.89 -24.36
CA THR A 83 9.72 -26.11 -25.58
C THR A 83 10.77 -26.23 -26.70
N THR A 84 10.29 -26.50 -27.92
CA THR A 84 11.12 -26.52 -29.14
C THR A 84 11.20 -25.12 -29.74
N ASP A 85 10.10 -24.37 -29.58
CA ASP A 85 9.91 -23.06 -30.21
C ASP A 85 10.74 -21.97 -29.53
N ALA A 86 11.20 -21.00 -30.31
CA ALA A 86 12.06 -19.92 -29.84
C ALA A 86 11.28 -18.65 -29.55
N VAL A 87 10.38 -18.27 -30.47
CA VAL A 87 9.60 -17.03 -30.33
C VAL A 87 8.73 -17.08 -29.07
N LEU A 88 8.08 -18.22 -28.83
CA LEU A 88 7.32 -18.46 -27.59
C LEU A 88 8.21 -18.26 -26.38
N LEU A 89 9.44 -18.76 -26.46
CA LEU A 89 10.42 -18.54 -25.39
C LEU A 89 10.73 -17.06 -25.23
N ASN A 90 10.88 -16.34 -26.34
CA ASN A 90 11.09 -14.89 -26.27
C ASN A 90 9.84 -14.13 -25.88
N LYS A 91 8.69 -14.66 -26.29
CA LYS A 91 7.41 -14.18 -25.80
C LYS A 91 7.37 -14.37 -24.28
N LEU A 92 7.53 -15.63 -23.84
CA LEU A 92 7.42 -16.03 -22.44
C LEU A 92 8.33 -15.28 -21.49
N HIS A 93 9.54 -14.98 -21.94
CA HIS A 93 10.51 -14.21 -21.15
C HIS A 93 10.12 -12.77 -21.06
N HIS A 94 9.71 -12.18 -22.17
CA HIS A 94 9.36 -10.77 -22.22
C HIS A 94 8.36 -10.41 -21.17
N ALA A 95 7.41 -11.32 -20.92
CA ALA A 95 6.44 -11.20 -19.84
C ALA A 95 7.12 -11.23 -18.48
N ALA A 96 7.91 -12.27 -18.26
CA ALA A 96 8.66 -12.44 -17.01
C ALA A 96 9.55 -11.25 -16.67
N ASP A 97 9.86 -10.44 -17.68
CA ASP A 97 10.67 -9.24 -17.48
C ASP A 97 9.75 -8.04 -17.23
N LEU A 98 8.66 -7.97 -17.96
CA LEU A 98 7.64 -6.96 -17.73
C LEU A 98 7.06 -7.09 -16.34
N GLU A 99 6.74 -8.33 -15.95
CA GLU A 99 6.19 -8.63 -14.65
C GLU A 99 7.22 -8.26 -13.59
N LYS A 100 8.47 -8.67 -13.81
CA LYS A 100 9.56 -8.44 -12.89
C LYS A 100 9.74 -6.95 -12.64
N LYS A 101 9.50 -6.14 -13.66
CA LYS A 101 9.56 -4.68 -13.51
C LYS A 101 8.24 -4.07 -12.99
N GLN A 102 7.13 -4.74 -13.21
CA GLN A 102 5.84 -4.29 -12.67
C GLN A 102 5.84 -4.38 -11.15
N ASN A 103 6.48 -5.43 -10.62
CA ASN A 103 6.78 -5.54 -9.20
C ASN A 103 7.48 -4.30 -8.69
N GLU A 104 8.58 -3.91 -9.33
CA GLU A 104 9.38 -2.76 -8.89
C GLU A 104 8.59 -1.46 -8.80
N THR A 105 7.85 -1.16 -9.86
CA THR A 105 6.97 -0.01 -9.92
C THR A 105 6.09 0.05 -8.69
N GLU A 106 5.36 -1.04 -8.47
CA GLU A 106 4.37 -1.14 -7.41
C GLU A 106 4.96 -1.16 -6.00
N ASN A 107 5.99 -1.97 -5.79
CA ASN A 107 6.62 -2.05 -4.47
C ASN A 107 7.16 -0.70 -3.98
N ARG A 108 7.42 0.20 -4.93
CA ARG A 108 7.84 1.56 -4.61
C ARG A 108 6.65 2.37 -4.09
N LYS A 109 5.46 2.12 -4.63
CA LYS A 109 4.23 2.78 -4.19
C LYS A 109 3.86 2.34 -2.77
N LEU A 110 4.01 1.05 -2.50
CA LEU A 110 3.64 0.50 -1.21
C LEU A 110 4.70 0.81 -0.17
N LEU A 111 5.74 1.52 -0.58
CA LEU A 111 6.78 1.98 0.34
C LEU A 111 6.23 2.83 1.47
N GLY A 112 6.66 2.52 2.70
CA GLY A 112 6.30 3.29 3.87
C GLY A 112 4.96 2.97 4.51
N THR A 113 4.15 2.13 3.87
CA THR A 113 2.83 1.78 4.42
C THR A 113 2.95 0.76 5.55
N VAL A 114 2.19 1.00 6.62
CA VAL A 114 2.20 0.16 7.81
C VAL A 114 1.78 -1.26 7.47
N ILE A 115 2.59 -2.24 7.86
CA ILE A 115 2.19 -3.64 7.74
C ILE A 115 1.10 -3.93 8.76
N GLN A 116 0.04 -4.61 8.33
CA GLN A 116 -1.01 -5.11 9.22
C GLN A 116 -0.84 -6.62 9.36
N TYR A 117 -1.26 -7.17 10.50
CA TYR A 117 -1.13 -8.61 10.76
C TYR A 117 -1.94 -9.45 9.79
N GLY A 118 -1.24 -10.32 9.07
CA GLY A 118 -1.85 -11.09 8.04
C GLY A 118 -1.89 -10.32 6.74
N ASN A 119 -0.85 -9.55 6.47
CA ASN A 119 -0.51 -9.20 5.10
C ASN A 119 0.47 -10.27 4.66
N VAL A 120 0.88 -10.24 3.40
CA VAL A 120 1.71 -11.32 2.87
C VAL A 120 3.05 -10.84 2.35
N ILE A 121 3.91 -10.40 3.25
CA ILE A 121 5.21 -9.81 2.89
C ILE A 121 6.31 -10.80 2.54
N GLN A 122 7.30 -10.36 1.78
CA GLN A 122 8.55 -11.12 1.64
C GLN A 122 9.68 -10.45 2.44
N LEU A 123 10.63 -11.25 2.88
CA LEU A 123 11.72 -10.77 3.70
C LEU A 123 13.02 -10.82 2.93
N LEU A 124 13.45 -9.67 2.40
CA LEU A 124 14.68 -9.57 1.64
C LEU A 124 15.94 -9.43 2.52
N HIS A 125 16.90 -10.34 2.33
CA HIS A 125 18.19 -10.24 2.98
C HIS A 125 19.01 -9.19 2.31
N LEU A 126 19.38 -8.15 3.05
CA LEU A 126 20.16 -7.03 2.51
C LEU A 126 21.52 -7.41 1.95
N LYS A 127 22.37 -7.98 2.81
CA LYS A 127 23.77 -8.26 2.50
C LYS A 127 23.94 -9.25 1.35
N SER A 128 23.06 -10.24 1.28
CA SER A 128 23.11 -11.25 0.24
C SER A 128 22.27 -10.85 -0.96
N ASN A 129 21.26 -10.03 -0.68
CA ASN A 129 20.26 -9.59 -1.66
C ASN A 129 19.31 -10.68 -2.15
N LYS A 130 19.33 -11.83 -1.48
CA LYS A 130 18.41 -12.92 -1.82
C LYS A 130 17.13 -12.83 -0.98
N TYR A 131 16.05 -13.47 -1.44
CA TYR A 131 14.81 -13.62 -0.69
C TYR A 131 14.81 -14.90 0.14
N LEU A 132 14.48 -14.77 1.43
CA LEU A 132 14.27 -15.89 2.31
C LEU A 132 13.15 -16.73 1.70
N THR A 133 13.34 -18.03 1.59
CA THR A 133 12.41 -18.84 0.79
C THR A 133 12.23 -20.28 1.30
N VAL A 134 10.98 -20.67 1.50
CA VAL A 134 10.68 -22.07 1.81
C VAL A 134 10.61 -22.82 0.50
N ASN A 135 11.30 -23.95 0.42
CA ASN A 135 11.17 -24.83 -0.73
C ASN A 135 10.21 -25.99 -0.45
N LYS A 136 8.94 -25.76 -0.75
CA LYS A 136 7.81 -26.64 -0.37
C LYS A 136 8.02 -28.14 -0.60
N ARG A 137 8.71 -28.48 -1.68
CA ARG A 137 8.84 -29.87 -2.11
C ARG A 137 10.23 -30.47 -1.81
N LEU A 138 10.76 -30.16 -0.62
CA LEU A 138 12.04 -30.69 -0.18
C LEU A 138 12.04 -31.09 1.29
N PRO A 139 12.92 -32.04 1.65
CA PRO A 139 13.32 -32.11 3.05
C PRO A 139 14.29 -30.97 3.37
N ALA A 140 14.52 -30.72 4.66
CA ALA A 140 15.62 -29.86 5.10
C ALA A 140 16.88 -30.72 5.15
N LEU A 141 18.03 -30.09 5.32
CA LEU A 141 19.30 -30.81 5.27
C LEU A 141 19.71 -31.45 6.60
N LEU A 142 19.52 -30.71 7.70
CA LEU A 142 19.90 -31.17 9.02
C LEU A 142 18.72 -31.81 9.75
N GLU A 143 17.53 -31.23 9.54
CA GLU A 143 16.26 -31.72 10.12
C GLU A 143 15.46 -32.51 9.08
N LYS A 144 14.94 -33.66 9.47
CA LYS A 144 14.34 -34.58 8.49
C LYS A 144 12.97 -34.18 7.93
N ASN A 145 12.03 -33.82 8.82
CA ASN A 145 10.66 -33.50 8.40
C ASN A 145 10.52 -32.14 7.76
N ALA A 146 11.20 -31.16 8.33
CA ALA A 146 11.04 -29.76 7.95
C ALA A 146 11.46 -29.48 6.52
N MET A 147 10.73 -28.57 5.86
CA MET A 147 11.05 -28.16 4.49
C MET A 147 12.34 -27.33 4.40
N ARG A 148 13.03 -27.46 3.28
CA ARG A 148 14.28 -26.73 3.07
C ARG A 148 14.06 -25.23 2.83
N VAL A 149 14.37 -24.43 3.83
CA VAL A 149 14.36 -23.00 3.66
C VAL A 149 15.72 -22.55 3.14
N THR A 150 15.70 -21.85 2.02
CA THR A 150 16.91 -21.39 1.35
C THR A 150 16.83 -19.90 1.05
N LEU A 151 17.86 -19.41 0.36
CA LEU A 151 17.86 -18.05 -0.12
C LEU A 151 17.98 -18.05 -1.63
N ASP A 152 16.84 -17.88 -2.30
CA ASP A 152 16.78 -17.72 -3.75
C ASP A 152 16.90 -16.24 -4.08
N GLU A 153 17.60 -15.95 -5.19
CA GLU A 153 17.89 -14.59 -5.61
C GLU A 153 16.65 -13.82 -6.05
N ALA A 154 15.90 -14.40 -6.99
CA ALA A 154 14.77 -13.72 -7.58
C ALA A 154 13.47 -13.96 -6.82
N GLY A 155 13.47 -14.99 -5.97
CA GLY A 155 12.28 -15.36 -5.19
C GLY A 155 11.27 -16.19 -5.95
N ASN A 156 10.18 -16.54 -5.28
CA ASN A 156 9.07 -17.29 -5.88
C ASN A 156 7.89 -17.31 -4.93
N GLU A 157 6.88 -18.12 -5.24
CA GLU A 157 5.68 -18.17 -4.41
C GLU A 157 5.96 -18.58 -2.95
N GLY A 158 7.04 -19.33 -2.74
CA GLY A 158 7.42 -19.79 -1.41
C GLY A 158 8.31 -18.80 -0.70
N SER A 159 8.29 -17.55 -1.15
CA SER A 159 8.95 -16.45 -0.45
C SER A 159 7.90 -15.46 0.08
N TRP A 160 6.63 -15.79 -0.16
CA TRP A 160 5.49 -15.13 0.44
C TRP A 160 5.28 -15.61 1.86
N PHE A 161 5.15 -14.68 2.80
CA PHE A 161 4.98 -14.99 4.22
C PHE A 161 3.85 -14.18 4.84
N TYR A 162 2.84 -14.87 5.40
CA TYR A 162 1.88 -14.20 6.26
C TYR A 162 2.60 -13.81 7.55
N ILE A 163 2.51 -12.53 7.89
CA ILE A 163 3.05 -12.07 9.15
C ILE A 163 1.91 -12.04 10.16
N GLN A 164 1.89 -13.02 11.05
CA GLN A 164 0.80 -13.13 12.02
C GLN A 164 1.24 -13.14 13.49
N PRO A 165 0.38 -12.64 14.40
CA PRO A 165 0.81 -12.37 15.74
C PRO A 165 0.94 -13.64 16.55
N PHE A 166 2.01 -13.75 17.35
CA PHE A 166 2.28 -14.95 18.14
C PHE A 166 1.37 -15.01 19.35
N TYR A 167 1.58 -14.10 20.30
CA TYR A 167 0.67 -13.97 21.43
C TYR A 167 -0.50 -13.14 20.95
N LYS A 168 -1.67 -13.35 21.55
CA LYS A 168 -2.89 -12.63 21.16
C LYS A 168 -3.05 -11.23 21.79
N LEU A 169 -1.94 -10.63 22.23
CA LEU A 169 -1.92 -9.23 22.68
C LEU A 169 -2.41 -8.29 21.59
N ARG A 170 -2.08 -8.62 20.33
CA ARG A 170 -2.62 -7.95 19.15
C ARG A 170 -3.23 -9.03 18.26
N SER A 171 -4.00 -8.63 17.25
CA SER A 171 -4.63 -9.63 16.39
C SER A 171 -4.71 -9.20 14.93
N ILE A 172 -5.18 -10.11 14.07
CA ILE A 172 -5.23 -9.91 12.62
C ILE A 172 -6.00 -8.65 12.28
N GLY A 173 -5.42 -7.86 11.38
CA GLY A 173 -5.96 -6.55 11.05
C GLY A 173 -5.14 -5.48 11.74
N ASP A 174 -4.91 -5.68 13.04
CA ASP A 174 -4.09 -4.81 13.88
C ASP A 174 -2.72 -4.54 13.27
N SER A 175 -2.25 -3.30 13.40
CA SER A 175 -0.97 -2.88 12.83
C SER A 175 0.21 -3.50 13.58
N VAL A 176 1.24 -3.89 12.86
CA VAL A 176 2.37 -4.56 13.48
C VAL A 176 3.26 -3.51 14.11
N VAL A 177 3.31 -3.55 15.44
CA VAL A 177 4.15 -2.68 16.26
C VAL A 177 5.59 -3.21 16.28
N ILE A 178 6.56 -2.35 16.58
CA ILE A 178 7.95 -2.76 16.67
C ILE A 178 8.15 -3.64 17.90
N GLY A 179 9.03 -4.63 17.76
CA GLY A 179 9.35 -5.57 18.83
C GLY A 179 8.46 -6.79 18.86
N ASP A 180 7.22 -6.64 18.42
CA ASP A 180 6.22 -7.70 18.41
C ASP A 180 6.79 -9.06 18.03
N LYS A 181 6.46 -10.05 18.84
CA LYS A 181 6.75 -11.43 18.48
C LYS A 181 5.69 -11.90 17.50
N VAL A 182 6.15 -12.33 16.33
CA VAL A 182 5.27 -12.80 15.26
C VAL A 182 5.66 -14.22 14.84
N VAL A 183 4.72 -14.89 14.18
CA VAL A 183 5.05 -16.10 13.45
C VAL A 183 5.00 -15.72 11.98
N LEU A 184 6.11 -15.99 11.28
CA LEU A 184 6.11 -15.88 9.83
C LEU A 184 5.68 -17.22 9.26
N ASN A 185 4.60 -17.20 8.47
CA ASN A 185 4.02 -18.41 7.93
C ASN A 185 3.89 -18.29 6.42
N PRO A 186 4.52 -19.21 5.68
CA PRO A 186 4.50 -19.18 4.22
C PRO A 186 3.11 -19.37 3.64
N VAL A 187 2.84 -18.67 2.53
CA VAL A 187 1.48 -18.56 1.99
C VAL A 187 0.93 -19.88 1.49
N ASN A 188 1.78 -20.66 0.82
CA ASN A 188 1.38 -21.96 0.32
C ASN A 188 2.41 -23.01 0.68
N ALA A 189 3.67 -22.57 0.70
CA ALA A 189 4.80 -23.46 0.90
C ALA A 189 4.69 -24.34 2.15
N GLY A 190 3.64 -24.13 2.94
CA GLY A 190 3.33 -24.98 4.06
C GLY A 190 3.70 -24.42 5.43
N GLN A 191 4.54 -25.17 6.14
CA GLN A 191 4.79 -24.93 7.55
C GLN A 191 5.51 -23.60 7.81
N PRO A 192 5.32 -23.01 9.01
CA PRO A 192 5.98 -21.75 9.36
C PRO A 192 7.48 -21.89 9.66
N LEU A 193 8.19 -20.77 9.56
CA LEU A 193 9.63 -20.71 9.84
C LEU A 193 9.91 -21.11 11.25
N HIS A 194 11.06 -21.75 11.43
CA HIS A 194 11.42 -22.33 12.72
C HIS A 194 12.91 -22.45 12.84
N ALA A 195 13.45 -21.89 13.94
CA ALA A 195 14.88 -21.93 14.20
C ALA A 195 15.25 -23.24 14.90
N SER A 196 16.20 -23.99 14.32
CA SER A 196 16.43 -25.39 14.67
C SER A 196 17.02 -25.68 16.05
N SER A 197 17.13 -26.97 16.36
CA SER A 197 17.82 -27.44 17.55
C SER A 197 19.03 -28.25 17.11
N HIS A 198 19.36 -28.17 15.82
CA HIS A 198 20.48 -28.94 15.26
C HIS A 198 21.60 -28.03 14.81
N GLN A 199 22.78 -28.22 15.40
CA GLN A 199 23.98 -27.52 14.96
C GLN A 199 24.45 -28.08 13.63
N LEU A 200 25.06 -27.22 12.81
CA LEU A 200 25.58 -27.63 11.52
C LEU A 200 26.86 -28.42 11.68
N VAL A 201 27.18 -29.24 10.69
CA VAL A 201 28.37 -30.09 10.73
C VAL A 201 29.66 -29.28 10.75
N ASP A 202 29.66 -28.15 10.03
CA ASP A 202 30.87 -27.34 9.84
C ASP A 202 31.02 -26.13 10.77
N ASN A 203 29.93 -25.44 11.08
CA ASN A 203 30.03 -24.17 11.84
C ASN A 203 29.70 -24.24 13.33
N GLY A 205 28.04 -24.72 16.33
CA GLY A 205 27.55 -23.47 16.90
C GLY A 205 26.64 -22.66 16.00
N ALA A 206 26.00 -23.33 15.03
CA ALA A 206 25.07 -22.69 14.11
C ALA A 206 23.87 -23.59 13.86
N ASN A 207 22.66 -23.07 14.08
CA ASN A 207 21.43 -23.86 13.94
C ASN A 207 20.63 -23.61 12.63
N GLU A 208 20.29 -24.69 11.95
CA GLU A 208 19.62 -24.65 10.64
C GLU A 208 18.14 -24.26 10.76
N VAL A 209 17.78 -23.13 10.16
CA VAL A 209 16.37 -22.71 10.16
C VAL A 209 15.60 -23.31 8.97
N ASN A 210 14.42 -23.82 9.26
CA ASN A 210 13.62 -24.55 8.29
C ASN A 210 12.14 -24.35 8.56
N SER A 211 11.32 -25.04 7.78
CA SER A 211 9.88 -24.86 7.82
C SER A 211 9.18 -26.11 8.37
N VAL A 212 8.71 -26.00 9.60
CA VAL A 212 8.05 -27.07 10.34
C VAL A 212 7.25 -26.45 11.46
N ASN A 213 6.05 -26.98 11.71
CA ASN A 213 5.22 -26.54 12.84
C ASN A 213 5.89 -26.69 14.21
N ALA A 214 6.31 -25.56 14.79
CA ALA A 214 6.92 -25.51 16.12
C ALA A 214 6.59 -24.19 16.78
N ASN A 215 6.82 -24.10 18.09
CA ASN A 215 6.45 -22.91 18.85
C ASN A 215 7.56 -21.83 18.93
N THR A 216 8.07 -21.44 17.76
CA THR A 216 9.09 -20.39 17.69
C THR A 216 8.40 -19.06 17.47
N SER A 217 8.85 -18.04 18.20
CA SER A 217 8.34 -16.66 18.04
C SER A 217 9.47 -15.75 17.57
N TRP A 218 9.18 -14.95 16.56
CA TRP A 218 10.18 -14.07 15.97
C TRP A 218 10.08 -12.63 16.39
N LYS A 219 11.04 -12.19 17.21
CA LYS A 219 11.10 -10.81 17.68
C LYS A 219 11.61 -9.89 16.58
N ILE A 220 10.84 -8.85 16.30
CA ILE A 220 11.16 -7.96 15.21
C ILE A 220 11.89 -6.73 15.73
N VAL A 221 13.21 -6.81 15.67
CA VAL A 221 14.11 -5.76 16.16
C VAL A 221 14.49 -4.82 15.01
N LEU A 222 13.92 -3.60 15.03
CA LEU A 222 14.12 -2.62 13.96
C LEU A 222 15.56 -2.13 13.96
N PHE A 223 16.17 -2.08 12.80
CA PHE A 223 17.48 -1.45 12.65
C PHE A 223 17.35 -0.03 12.07
N MET A 224 17.00 0.07 10.78
CA MET A 224 16.82 1.35 10.13
C MET A 224 15.37 1.54 9.68
N LYS A 225 14.78 2.67 10.06
CA LYS A 225 13.44 3.04 9.60
C LYS A 225 13.45 3.23 8.09
N TRP A 226 12.28 3.15 7.47
CA TRP A 226 12.18 3.22 6.00
C TRP A 226 12.56 4.57 5.44
N SER A 227 13.24 5.37 6.25
CA SER A 227 13.76 6.67 5.84
C SER A 227 15.30 6.66 5.75
N ASP A 228 15.79 6.16 4.60
CA ASP A 228 17.20 6.13 4.23
C ASP A 228 17.37 6.52 2.74
N ASN A 229 17.28 7.81 2.44
CA ASN A 229 17.38 8.29 1.07
C ASN A 229 18.76 8.00 0.47
N LYS A 230 18.79 7.10 -0.51
CA LYS A 230 20.05 6.64 -1.09
C LYS A 230 19.83 6.07 -2.50
N ASP A 231 20.74 6.33 -3.44
CA ASP A 231 21.98 7.11 -3.24
C ASP A 231 21.71 8.62 -3.23
N ASP A 232 21.49 9.15 -2.02
CA ASP A 232 21.15 10.55 -1.82
C ASP A 232 21.73 11.11 -0.50
N ILE A 233 21.97 10.23 0.46
CA ILE A 233 22.44 10.61 1.79
C ILE A 233 23.42 9.58 2.34
N LEU A 234 24.51 10.06 2.94
CA LEU A 234 25.40 9.20 3.69
C LEU A 234 24.72 8.79 4.99
N LYS A 235 24.38 7.50 5.09
CA LYS A 235 23.91 6.90 6.35
C LYS A 235 24.65 5.62 6.71
N GLY A 236 24.70 5.34 8.02
CA GLY A 236 25.40 4.19 8.57
C GLY A 236 25.32 2.95 7.69
N GLY A 237 26.48 2.35 7.46
CA GLY A 237 26.55 1.11 6.69
C GLY A 237 26.66 1.27 5.18
N ASP A 238 26.77 2.50 4.70
CA ASP A 238 27.15 2.74 3.32
C ASP A 238 28.61 2.35 3.14
N VAL A 239 28.99 1.92 1.95
CA VAL A 239 30.39 1.61 1.65
C VAL A 239 30.93 2.64 0.65
N VAL A 240 32.02 3.31 1.03
CA VAL A 240 32.55 4.40 0.22
C VAL A 240 34.07 4.35 0.15
N ARG A 241 34.63 5.01 -0.87
CA ARG A 241 36.05 5.28 -0.93
C ARG A 241 36.24 6.74 -0.61
N LEU A 242 37.40 7.07 -0.05
CA LEU A 242 37.73 8.44 0.32
C LEU A 242 38.87 8.95 -0.57
N PHE A 243 38.47 9.56 -1.68
CA PHE A 243 39.42 10.12 -2.65
C PHE A 243 39.97 11.44 -2.10
N HIS A 244 41.18 11.79 -2.52
CA HIS A 244 41.78 13.06 -2.13
C HIS A 244 41.57 14.13 -3.18
N ALA A 245 41.26 15.34 -2.73
CA ALA A 245 41.07 16.47 -3.64
C ALA A 245 42.40 16.85 -4.28
N GLU A 246 43.28 17.43 -3.46
CA GLU A 246 44.57 17.93 -3.92
C GLU A 246 45.48 16.83 -4.47
N GLN A 247 45.82 15.86 -3.62
CA GLN A 247 46.72 14.77 -3.98
C GLN A 247 46.19 13.83 -5.06
N GLU A 248 44.86 13.85 -5.27
CA GLU A 248 44.19 12.96 -6.22
C GLU A 248 44.50 11.48 -6.01
N LYS A 249 44.28 11.00 -4.78
CA LYS A 249 44.58 9.61 -4.43
C LYS A 249 43.51 9.01 -3.52
N PHE A 250 43.33 7.69 -3.62
CA PHE A 250 42.35 7.00 -2.79
C PHE A 250 42.96 6.55 -1.48
N LEU A 251 42.21 6.74 -0.40
CA LEU A 251 42.65 6.27 0.91
C LEU A 251 42.59 4.75 0.91
N THR A 252 43.72 4.16 1.29
CA THR A 252 43.89 2.72 1.17
C THR A 252 44.48 2.13 2.45
N ALA A 253 44.21 0.84 2.65
CA ALA A 253 44.72 0.08 3.78
C ALA A 253 45.25 -1.27 3.30
N ASP A 254 46.55 -1.46 3.41
CA ASP A 254 47.21 -2.74 3.11
C ASP A 254 48.40 -2.95 4.05
N GLU A 255 49.25 -3.93 3.75
CA GLU A 255 50.44 -4.17 4.56
C GLU A 255 51.73 -3.80 3.84
N HIS A 256 52.69 -3.29 4.61
CA HIS A 256 54.05 -3.09 4.15
C HIS A 256 54.96 -3.42 5.28
N ARG A 257 55.99 -4.23 4.99
CA ARG A 257 56.90 -4.78 6.00
C ARG A 257 56.11 -5.54 7.08
N LYS A 258 55.13 -6.34 6.62
CA LYS A 258 54.24 -7.15 7.46
C LYS A 258 53.35 -6.33 8.41
N LYS A 259 53.38 -5.00 8.25
CA LYS A 259 52.64 -4.08 9.12
C LYS A 259 51.53 -3.38 8.34
N GLN A 260 50.32 -3.40 8.90
CA GLN A 260 49.16 -2.75 8.28
C GLN A 260 49.31 -1.24 8.36
N HIS A 261 49.18 -0.56 7.23
CA HIS A 261 49.31 0.89 7.20
C HIS A 261 48.24 1.52 6.40
N VAL A 262 47.77 2.67 6.87
CA VAL A 262 46.76 3.46 6.15
C VAL A 262 47.48 4.56 5.37
N PHE A 263 47.16 4.67 4.09
CA PHE A 263 47.89 5.55 3.18
C PHE A 263 47.05 6.04 2.00
N LEU A 264 47.55 7.07 1.33
CA LEU A 264 47.10 7.36 -0.02
C LEU A 264 47.99 6.57 -0.96
N ARG A 265 47.38 5.89 -1.93
CA ARG A 265 48.13 5.05 -2.85
C ARG A 265 48.48 5.84 -4.11
N THR A 266 49.73 5.73 -4.54
CA THR A 266 50.23 6.38 -5.75
C THR A 266 49.83 5.56 -6.99
N THR A 267 49.24 6.22 -7.98
CA THR A 267 48.75 5.55 -9.20
C THR A 267 49.60 5.88 -10.44
N GLY A 268 49.53 5.02 -11.44
CA GLY A 268 50.24 5.21 -12.70
C GLY A 268 49.31 5.18 -13.91
N ARG A 269 48.08 5.62 -13.72
CA ARG A 269 47.09 5.67 -14.79
C ARG A 269 46.90 7.10 -15.30
N GLN A 270 46.11 7.24 -16.36
CA GLN A 270 45.73 8.55 -16.88
C GLN A 270 44.29 8.91 -16.48
N SER A 271 43.88 8.39 -15.32
CA SER A 271 42.56 8.65 -14.75
C SER A 271 42.59 8.32 -13.26
N ALA A 272 42.35 9.32 -12.42
CA ALA A 272 42.46 9.18 -10.98
C ALA A 272 41.35 8.35 -10.34
N THR A 273 40.12 8.47 -10.86
CA THR A 273 38.96 7.72 -10.37
C THR A 273 38.97 6.27 -10.87
N SER A 274 39.82 5.98 -11.84
CA SER A 274 39.96 4.62 -12.39
C SER A 274 40.81 3.69 -11.51
N ALA A 275 41.61 4.28 -10.63
CA ALA A 275 42.51 3.55 -9.75
C ALA A 275 41.77 2.73 -8.70
N THR A 276 40.46 2.60 -8.87
CA THR A 276 39.59 1.80 -8.01
C THR A 276 40.23 0.50 -7.54
N SER A 277 40.08 0.20 -6.26
CA SER A 277 40.68 -0.97 -5.63
C SER A 277 39.83 -1.40 -4.44
N SER A 278 39.76 -2.71 -4.19
CA SER A 278 39.01 -3.26 -3.07
C SER A 278 39.56 -2.84 -1.68
N LYS A 279 40.88 -2.81 -1.56
CA LYS A 279 41.54 -2.37 -0.34
C LYS A 279 41.38 -0.87 -0.05
N ALA A 280 40.61 -0.18 -0.88
CA ALA A 280 40.37 1.25 -0.75
C ALA A 280 38.98 1.55 -0.20
N LEU A 281 38.19 0.50 0.00
CA LEU A 281 36.78 0.63 0.39
C LEU A 281 36.56 0.64 1.90
N TRP A 282 35.61 1.46 2.34
CA TRP A 282 35.29 1.60 3.77
C TRP A 282 33.82 1.62 4.05
N GLU A 283 33.40 0.91 5.09
CA GLU A 283 32.03 0.94 5.58
C GLU A 283 31.83 2.06 6.58
N VAL A 284 30.72 2.79 6.42
CA VAL A 284 30.41 3.93 7.28
C VAL A 284 29.68 3.52 8.56
N GLU A 285 30.10 4.12 9.67
CA GLU A 285 29.49 3.91 10.97
C GLU A 285 28.94 5.21 11.51
N VAL A 286 27.72 5.56 11.10
CA VAL A 286 27.01 6.70 11.67
C VAL A 286 26.69 6.38 13.13
N VAL A 287 27.63 6.72 14.03
CA VAL A 287 27.59 6.35 15.45
C VAL A 287 26.25 6.63 16.12
N GLN A 288 25.71 5.60 16.78
CA GLN A 288 24.42 5.68 17.43
C GLN A 288 24.58 5.44 18.93
N HIS A 289 23.47 5.05 19.58
CA HIS A 289 23.47 4.55 20.95
C HIS A 289 23.15 3.07 20.90
N ASP A 290 21.87 2.76 20.68
CA ASP A 290 21.46 1.39 20.40
C ASP A 290 21.91 1.11 18.97
N PRO A 291 22.41 -0.12 18.69
CA PRO A 291 22.81 -0.49 17.33
C PRO A 291 21.68 -0.36 16.29
N ALA A 292 21.59 0.84 15.68
CA ALA A 292 20.51 1.20 14.75
C ALA A 292 21.02 2.06 13.57
N ARG A 293 20.11 2.83 12.98
CA ARG A 293 20.32 3.57 11.72
C ARG A 293 21.46 4.58 11.74
N TRP A 299 24.62 14.06 9.84
CA TRP A 299 25.35 15.26 9.44
C TRP A 299 25.76 16.13 10.61
N ASN A 300 25.21 15.86 11.79
CA ASN A 300 25.59 16.59 13.02
C ASN A 300 26.31 15.70 14.04
N SER A 301 26.13 14.39 13.92
CA SER A 301 26.80 13.41 14.78
C SER A 301 28.01 12.78 14.08
N LEU A 302 28.68 11.88 14.80
CA LEU A 302 30.04 11.42 14.48
C LEU A 302 30.12 10.05 13.78
N PHE A 303 31.20 9.83 13.03
CA PHE A 303 31.33 8.66 12.17
C PHE A 303 32.59 7.84 12.46
N ARG A 304 32.50 6.52 12.23
CA ARG A 304 33.65 5.62 12.29
C ARG A 304 33.80 4.89 10.95
N PHE A 305 35.03 4.68 10.51
CA PHE A 305 35.27 4.07 9.19
C PHE A 305 35.89 2.70 9.28
N LYS A 306 35.08 1.68 9.01
CA LYS A 306 35.51 0.29 9.04
C LYS A 306 36.07 -0.11 7.69
N HIS A 307 37.27 -0.67 7.66
CA HIS A 307 37.91 -1.06 6.42
C HIS A 307 37.23 -2.26 5.82
N LEU A 308 36.50 -2.02 4.73
CA LEU A 308 35.61 -3.03 4.13
C LEU A 308 36.29 -4.38 3.87
N ALA A 309 37.58 -4.36 3.56
CA ALA A 309 38.33 -5.59 3.34
C ALA A 309 38.63 -6.33 4.65
N THR A 310 39.57 -5.82 5.44
CA THR A 310 40.01 -6.53 6.66
C THR A 310 38.93 -6.64 7.74
N GLY A 311 38.38 -5.50 8.17
CA GLY A 311 37.41 -5.48 9.26
C GLY A 311 37.82 -4.55 10.39
N HIS A 312 39.08 -4.12 10.36
CA HIS A 312 39.64 -3.15 11.30
C HIS A 312 39.19 -1.74 10.99
N TYR A 313 39.22 -0.85 11.98
CA TYR A 313 38.70 0.51 11.83
C TYR A 313 39.81 1.55 11.65
N LEU A 314 39.43 2.81 11.48
CA LEU A 314 40.38 3.89 11.21
C LEU A 314 40.57 4.84 12.39
N ALA A 315 41.83 5.12 12.73
CA ALA A 315 42.19 5.95 13.90
C ALA A 315 43.60 6.57 13.83
N ALA A 316 43.80 7.70 14.51
CA ALA A 316 45.08 8.40 14.46
C ALA A 316 45.80 8.40 15.82
N GLU A 317 46.83 7.57 15.94
CA GLU A 317 47.66 7.53 17.16
C GLU A 317 49.16 7.60 16.88
N VAL A 318 49.81 8.60 17.48
CA VAL A 318 51.27 8.84 17.40
C VAL A 318 51.91 8.54 16.03
N MET A 351 54.05 15.98 13.37
CA MET A 351 52.60 15.79 13.52
C MET A 351 52.29 15.02 14.81
N VAL A 352 51.37 15.58 15.60
CA VAL A 352 50.95 14.99 16.88
C VAL A 352 50.45 13.56 16.77
N TYR A 353 49.76 13.25 15.68
CA TYR A 353 49.21 11.91 15.44
C TYR A 353 49.34 11.49 13.98
N SER A 354 48.97 10.23 13.69
CA SER A 354 48.96 9.70 12.33
C SER A 354 47.90 8.60 12.17
N LEU A 355 47.14 8.67 11.07
CA LEU A 355 46.11 7.70 10.76
C LEU A 355 46.67 6.29 10.57
N VAL A 356 46.20 5.36 11.39
CA VAL A 356 46.44 3.92 11.18
C VAL A 356 45.28 3.05 11.66
N SER A 357 45.26 1.80 11.19
CA SER A 357 44.22 0.84 11.54
C SER A 357 44.23 0.46 13.02
N VAL A 358 43.03 0.28 13.59
CA VAL A 358 42.85 -0.37 14.90
C VAL A 358 41.99 -1.61 14.73
N PRO A 359 42.37 -2.73 15.38
CA PRO A 359 41.65 -4.00 15.22
C PRO A 359 40.17 -3.97 15.62
N GLU A 360 39.81 -3.18 16.63
CA GLU A 360 38.40 -3.03 17.03
C GLU A 360 37.92 -1.58 16.99
N GLY A 361 36.66 -1.41 16.60
CA GLY A 361 36.07 -0.09 16.45
C GLY A 361 35.19 0.29 17.62
N ASN A 362 35.84 0.51 18.76
CA ASN A 362 35.16 0.89 19.99
C ASN A 362 35.88 2.05 20.68
N ASP A 363 37.19 1.92 20.80
CA ASP A 363 38.04 2.97 21.38
C ASP A 363 37.73 4.31 20.75
N ILE A 364 37.67 5.33 21.59
CA ILE A 364 37.26 6.68 21.19
C ILE A 364 38.21 7.30 20.14
N SER A 365 39.25 6.57 19.76
CA SER A 365 40.16 6.99 18.70
C SER A 365 39.59 6.79 17.29
N SER A 366 38.75 5.76 17.14
CA SER A 366 38.20 5.35 15.83
C SER A 366 37.10 6.27 15.28
N ILE A 367 36.81 7.34 16.01
CA ILE A 367 35.68 8.21 15.73
C ILE A 367 36.10 9.53 15.10
N PHE A 368 35.45 9.87 13.98
CA PHE A 368 35.74 11.09 13.25
C PHE A 368 34.52 11.98 13.11
N GLU A 369 34.77 13.21 12.67
CA GLU A 369 33.74 14.22 12.48
C GLU A 369 33.89 14.81 11.08
N LEU A 370 32.80 15.28 10.50
CA LEU A 370 32.83 15.77 9.13
C LEU A 370 32.57 17.26 8.99
N ASP A 371 33.16 17.86 7.95
CA ASP A 371 33.04 19.28 7.66
C ASP A 371 32.85 19.49 6.14
N PRO A 372 31.91 20.38 5.72
CA PRO A 372 31.72 20.66 4.29
C PRO A 372 32.90 21.43 3.68
N VAL A 382 23.95 15.22 5.54
CA VAL A 382 25.07 14.79 4.73
C VAL A 382 24.56 14.28 3.40
N PRO A 383 25.23 14.63 2.30
CA PRO A 383 24.82 14.10 1.01
C PRO A 383 25.81 13.08 0.43
N ARG A 384 25.31 12.21 -0.44
CA ARG A 384 26.15 11.29 -1.22
C ARG A 384 27.11 12.10 -2.09
N ASN A 385 28.25 11.48 -2.42
CA ASN A 385 29.33 12.13 -3.18
C ASN A 385 29.68 13.54 -2.67
N SER A 386 29.70 13.71 -1.34
CA SER A 386 30.11 14.97 -0.72
C SER A 386 31.64 15.09 -0.66
N TYR A 387 32.15 16.32 -0.73
CA TYR A 387 33.60 16.57 -0.64
C TYR A 387 33.94 17.24 0.69
N VAL A 388 34.22 16.41 1.70
CA VAL A 388 34.37 16.88 3.09
C VAL A 388 35.80 17.01 3.59
N ARG A 389 35.93 17.71 4.72
CA ARG A 389 37.16 17.77 5.51
C ARG A 389 36.87 17.08 6.83
N LEU A 390 37.60 16.00 7.13
CA LEU A 390 37.28 15.21 8.33
C LEU A 390 38.20 15.45 9.52
N ARG A 391 37.57 15.48 10.69
CA ARG A 391 38.23 15.87 11.93
C ARG A 391 38.23 14.74 12.92
N HIS A 392 39.37 14.55 13.59
CA HIS A 392 39.54 13.52 14.61
C HIS A 392 39.11 14.03 15.96
N LEU A 393 38.15 13.35 16.56
CA LEU A 393 37.49 13.83 17.78
C LEU A 393 38.37 13.81 19.02
N ALA A 394 38.81 12.62 19.43
CA ALA A 394 39.53 12.41 20.69
C ALA A 394 40.86 13.17 20.77
N THR A 395 41.21 13.87 19.69
CA THR A 395 42.47 14.58 19.62
C THR A 395 42.30 16.00 19.09
N ASN A 396 41.12 16.27 18.51
CA ASN A 396 40.83 17.54 17.81
C ASN A 396 41.91 17.99 16.83
N THR A 397 41.95 17.33 15.68
CA THR A 397 42.94 17.60 14.62
C THR A 397 42.36 17.34 13.23
N TRP A 398 42.98 17.95 12.21
CA TRP A 398 42.50 17.89 10.84
C TRP A 398 43.41 17.11 9.95
N VAL A 399 42.85 16.04 9.36
CA VAL A 399 43.62 15.08 8.57
C VAL A 399 44.47 15.75 7.48
N HIS A 400 45.69 15.24 7.33
CA HIS A 400 46.68 15.81 6.43
C HIS A 400 47.56 14.76 5.82
N SER A 401 47.92 14.95 4.55
CA SER A 401 48.71 13.96 3.79
C SER A 401 50.16 14.37 3.66
N THR A 402 51.06 13.38 3.77
CA THR A 402 52.49 13.61 3.63
C THR A 402 53.08 12.96 2.36
N ASN A 403 54.37 13.21 2.14
CA ASN A 403 55.08 12.65 0.99
C ASN A 403 56.14 11.60 1.34
N ILE A 404 56.48 11.51 2.63
CA ILE A 404 57.38 10.45 3.13
C ILE A 404 56.64 9.10 3.11
N PRO A 405 57.01 8.22 2.18
CA PRO A 405 56.28 6.98 1.94
C PRO A 405 56.84 5.79 2.72
N ILE A 406 56.11 4.68 2.69
CA ILE A 406 56.59 3.41 3.23
C ILE A 406 56.36 2.25 2.26
N LYS A 408 59.33 3.15 1.24
CA LYS A 408 60.38 2.67 2.15
C LYS A 408 61.36 1.76 1.41
N GLU A 409 61.27 0.45 1.67
CA GLU A 409 62.16 -0.55 1.07
C GLU A 409 62.07 -0.56 -0.46
N GLU A 410 60.89 -0.23 -0.97
CA GLU A 410 60.61 -0.22 -2.42
C GLU A 410 61.39 0.86 -3.17
N GLU A 411 61.67 0.57 -4.45
CA GLU A 411 62.22 1.55 -5.38
C GLU A 411 61.06 2.27 -6.09
N LYS A 412 60.97 3.58 -5.87
CA LYS A 412 59.81 4.39 -6.26
C LYS A 412 58.50 3.76 -5.73
N PRO A 413 58.23 3.93 -4.42
CA PRO A 413 57.09 3.25 -3.78
C PRO A 413 55.74 3.91 -4.12
N VAL A 414 54.67 3.45 -3.47
CA VAL A 414 53.33 3.95 -3.75
C VAL A 414 52.54 4.37 -2.50
N MET A 415 52.98 3.90 -1.33
CA MET A 415 52.23 4.09 -0.08
C MET A 415 52.66 5.34 0.69
N LEU A 416 51.97 6.46 0.41
CA LEU A 416 52.25 7.75 1.06
C LEU A 416 51.52 7.88 2.39
N LYS A 417 52.27 8.14 3.46
CA LYS A 417 51.73 8.20 4.82
C LYS A 417 50.73 9.35 5.01
N ILE A 418 49.70 9.08 5.81
CA ILE A 418 48.75 10.12 6.21
C ILE A 418 48.66 10.25 7.73
N GLY A 419 48.88 11.46 8.20
CA GLY A 419 48.75 11.80 9.61
C GLY A 419 47.61 12.76 9.83
N THR A 420 47.85 13.77 10.67
CA THR A 420 46.88 14.82 10.96
C THR A 420 47.56 16.10 11.47
N SER A 421 46.79 17.17 11.57
CA SER A 421 47.31 18.46 12.01
C SER A 421 46.27 19.32 12.73
N PRO A 422 46.67 20.00 13.82
CA PRO A 422 45.79 20.92 14.56
C PRO A 422 45.38 22.14 13.74
N LEU A 423 46.08 22.40 12.64
CA LEU A 423 45.72 23.47 11.73
C LEU A 423 44.74 22.94 10.68
N LYS A 424 43.58 23.57 10.61
CA LYS A 424 42.56 23.22 9.63
C LYS A 424 42.93 23.75 8.26
N GLU A 425 43.05 22.86 7.29
CA GLU A 425 43.43 23.24 5.93
C GLU A 425 42.19 23.46 5.06
N ASP A 426 42.39 23.56 3.75
CA ASP A 426 41.31 23.77 2.80
C ASP A 426 41.38 22.74 1.67
N LYS A 427 42.60 22.45 1.24
CA LYS A 427 42.86 21.54 0.11
C LYS A 427 42.78 20.06 0.52
N GLU A 428 43.00 19.81 1.81
CA GLU A 428 43.01 18.47 2.36
C GLU A 428 41.61 17.89 2.51
N ALA A 429 40.78 18.10 1.48
CA ALA A 429 39.42 17.60 1.46
C ALA A 429 39.37 16.19 0.86
N PHE A 430 38.46 15.37 1.38
CA PHE A 430 38.26 14.02 0.89
C PHE A 430 36.91 13.89 0.20
N ALA A 431 36.89 13.20 -0.95
CA ALA A 431 35.65 12.94 -1.67
C ALA A 431 35.00 11.68 -1.15
N ILE A 432 33.74 11.78 -0.72
CA ILE A 432 32.98 10.61 -0.24
C ILE A 432 32.34 9.86 -1.42
N VAL A 433 33.17 9.22 -2.23
CA VAL A 433 32.72 8.59 -3.47
C VAL A 433 31.96 7.31 -3.17
N PRO A 434 30.63 7.33 -3.40
CA PRO A 434 29.81 6.17 -3.07
C PRO A 434 30.18 4.98 -3.94
N VAL A 435 30.30 3.81 -3.32
CA VAL A 435 30.54 2.58 -4.04
C VAL A 435 29.20 1.94 -4.35
N SER A 436 29.13 1.30 -5.52
CA SER A 436 27.94 0.58 -5.93
C SER A 436 27.72 -0.62 -4.99
N PRO A 437 26.44 -0.92 -4.66
CA PRO A 437 26.13 -2.02 -3.75
C PRO A 437 26.49 -3.36 -4.35
N ALA A 438 26.40 -3.45 -5.68
CA ALA A 438 26.79 -4.65 -6.42
C ALA A 438 28.27 -4.99 -6.23
N GLU A 439 29.11 -3.96 -6.33
CA GLU A 439 30.57 -4.08 -6.17
C GLU A 439 30.98 -4.56 -4.77
N VAL A 440 30.24 -4.10 -3.78
CA VAL A 440 30.38 -4.54 -2.41
C VAL A 440 30.15 -6.04 -2.33
N ARG A 441 29.10 -6.52 -3.01
CA ARG A 441 28.77 -7.95 -3.01
C ARG A 441 29.76 -8.80 -3.81
N ASP A 442 30.48 -8.18 -4.74
CA ASP A 442 31.56 -8.85 -5.44
C ASP A 442 32.71 -9.13 -4.49
N LEU A 443 33.10 -8.13 -3.68
CA LEU A 443 34.09 -8.33 -2.61
C LEU A 443 33.59 -9.46 -1.73
N ASP A 444 32.31 -9.44 -1.42
CA ASP A 444 31.74 -10.44 -0.53
C ASP A 444 31.70 -11.85 -1.14
N PHE A 445 31.19 -11.96 -2.36
CA PHE A 445 31.09 -13.26 -3.04
C PHE A 445 32.45 -13.80 -3.46
N ALA A 446 33.50 -13.02 -3.17
CA ALA A 446 34.88 -13.39 -3.49
C ALA A 446 35.64 -13.70 -2.20
N ASN A 447 35.36 -12.93 -1.15
CA ASN A 447 35.89 -13.21 0.19
C ASN A 447 35.48 -14.59 0.64
N ASP A 448 34.25 -14.95 0.31
CA ASP A 448 33.74 -16.30 0.48
C ASP A 448 34.70 -17.32 -0.14
N ALA A 449 34.85 -17.26 -1.46
CA ALA A 449 35.73 -18.16 -2.21
C ALA A 449 37.11 -18.32 -1.56
N SER A 450 37.63 -17.26 -0.96
CA SER A 450 38.92 -17.31 -0.29
C SER A 450 38.90 -18.23 0.93
N LYS A 451 37.81 -18.18 1.70
CA LYS A 451 37.73 -18.94 2.94
C LYS A 451 37.15 -20.35 2.76
N VAL A 452 36.42 -20.54 1.67
CA VAL A 452 35.98 -21.88 1.27
C VAL A 452 37.22 -22.69 0.91
N LEU A 453 38.04 -22.15 0.02
CA LEU A 453 39.33 -22.74 -0.34
C LEU A 453 40.31 -22.62 0.82
N GLY A 454 40.02 -21.71 1.75
CA GLY A 454 40.80 -21.54 2.98
C GLY A 454 40.75 -22.78 3.86
N SER A 455 39.56 -23.39 3.92
CA SER A 455 39.37 -24.65 4.65
C SER A 455 39.81 -25.86 3.81
N ILE A 456 39.30 -25.95 2.59
CA ILE A 456 39.49 -27.10 1.70
C ILE A 456 40.96 -27.39 1.32
N ALA A 457 41.68 -26.35 0.93
CA ALA A 457 43.10 -26.46 0.59
C ALA A 457 43.98 -26.67 1.82
N GLY A 458 43.42 -26.38 3.00
CA GLY A 458 44.06 -26.71 4.26
C GLY A 458 43.74 -28.14 4.64
N LYS A 459 42.51 -28.56 4.33
CA LYS A 459 42.01 -29.90 4.70
C LYS A 459 42.62 -31.03 3.87
N LEU A 460 42.88 -30.76 2.60
CA LEU A 460 43.44 -31.76 1.69
C LEU A 460 44.98 -31.69 1.61
N GLU A 461 45.56 -30.61 2.14
CA GLU A 461 47.02 -30.45 2.21
C GLU A 461 47.61 -31.35 3.30
N LYS A 462 46.81 -31.63 4.33
CA LYS A 462 47.24 -32.50 5.44
C LYS A 462 46.26 -33.67 5.65
N GLY A 463 45.88 -34.34 4.56
CA GLY A 463 45.02 -35.53 4.66
C GLY A 463 43.95 -35.63 3.59
N THR A 464 42.82 -36.23 3.98
CA THR A 464 41.70 -36.47 3.06
C THR A 464 40.51 -35.53 3.33
N ILE A 465 39.77 -35.22 2.26
CA ILE A 465 38.50 -34.49 2.37
C ILE A 465 37.32 -35.43 2.18
N THR A 466 36.15 -35.04 2.69
CA THR A 466 34.94 -35.88 2.58
C THR A 466 34.31 -35.79 1.18
N GLN A 467 33.29 -36.62 0.96
CA GLN A 467 32.55 -36.65 -0.31
C GLN A 467 31.57 -35.47 -0.43
N ASN A 468 31.33 -34.78 0.69
CA ASN A 468 30.47 -33.59 0.74
C ASN A 468 31.23 -32.33 0.31
N GLU A 469 32.55 -32.37 0.45
CA GLU A 469 33.43 -31.23 0.19
C GLU A 469 33.79 -31.08 -1.29
N ARG A 470 34.18 -32.17 -1.93
CA ARG A 470 34.43 -32.20 -3.37
C ARG A 470 33.27 -31.60 -4.15
N ARG A 471 32.06 -32.01 -3.80
CA ARG A 471 30.84 -31.62 -4.50
C ARG A 471 30.56 -30.11 -4.46
N SER A 472 31.14 -29.42 -3.49
CA SER A 472 30.95 -27.97 -3.32
C SER A 472 32.11 -27.14 -3.88
N VAL A 473 33.33 -27.65 -3.77
CA VAL A 473 34.51 -26.94 -4.31
C VAL A 473 34.50 -27.04 -5.83
N THR A 474 34.16 -28.23 -6.34
CA THR A 474 33.90 -28.43 -7.76
C THR A 474 32.74 -27.53 -8.22
N LYS A 475 31.70 -27.43 -7.40
CA LYS A 475 30.63 -26.45 -7.62
C LYS A 475 31.17 -25.02 -7.65
N LEU A 476 31.97 -24.66 -6.64
CA LEU A 476 32.55 -23.32 -6.52
C LEU A 476 33.42 -22.97 -7.72
N LEU A 477 34.36 -23.87 -8.06
CA LEU A 477 35.25 -23.65 -9.20
C LEU A 477 34.49 -23.55 -10.52
N GLU A 478 33.21 -23.90 -10.48
CA GLU A 478 32.31 -23.67 -11.60
C GLU A 478 31.68 -22.27 -11.50
N ASP A 479 31.41 -21.85 -10.28
CA ASP A 479 30.82 -20.55 -10.02
C ASP A 479 31.80 -19.43 -10.34
N LEU A 480 33.07 -19.68 -10.06
CA LEU A 480 34.11 -18.70 -10.33
C LEU A 480 34.23 -18.42 -11.82
N VAL A 481 34.05 -19.47 -12.62
CA VAL A 481 34.03 -19.35 -14.08
C VAL A 481 32.85 -18.48 -14.53
N TYR A 482 31.69 -18.68 -13.90
CA TYR A 482 30.48 -17.91 -14.21
C TYR A 482 30.60 -16.43 -13.78
N PHE A 483 31.38 -16.18 -12.73
CA PHE A 483 31.60 -14.82 -12.21
C PHE A 483 32.54 -14.00 -13.08
N VAL A 484 33.79 -14.46 -13.20
CA VAL A 484 34.89 -13.70 -13.81
C VAL A 484 34.64 -13.25 -15.26
N THR A 485 33.78 -13.97 -15.98
CA THR A 485 33.44 -13.65 -17.37
C THR A 485 32.13 -12.89 -17.44
N GLY A 486 31.74 -12.31 -16.30
CA GLY A 486 30.53 -11.50 -16.22
C GLY A 486 29.29 -12.26 -16.67
N GLY A 487 29.21 -13.52 -16.25
CA GLY A 487 28.08 -14.38 -16.57
C GLY A 487 27.90 -14.63 -18.05
N THR A 488 28.95 -15.10 -18.72
CA THR A 488 28.81 -15.65 -20.08
C THR A 488 29.08 -17.15 -20.06
N ASN A 489 30.30 -17.53 -19.67
CA ASN A 489 30.74 -18.92 -19.68
C ASN A 489 30.18 -19.73 -18.51
N SER A 490 30.52 -21.03 -18.45
CA SER A 490 30.15 -21.90 -17.35
C SER A 490 31.18 -23.02 -17.16
N LEU A 495 28.81 -29.08 -19.52
CA LEU A 495 28.55 -27.74 -20.00
C LEU A 495 28.77 -27.67 -21.52
N GLU A 496 28.03 -26.79 -22.18
CA GLU A 496 28.18 -26.51 -23.62
C GLU A 496 28.06 -25.01 -23.94
N VAL A 497 29.20 -24.34 -24.08
CA VAL A 497 29.24 -22.89 -24.19
C VAL A 497 28.95 -22.38 -25.61
N VAL A 498 29.00 -21.07 -25.79
CA VAL A 498 28.88 -20.41 -27.10
C VAL A 498 29.97 -19.33 -27.24
N PHE A 499 30.17 -18.55 -26.17
CA PHE A 499 31.14 -17.44 -26.11
C PHE A 499 31.91 -17.45 -24.78
N SER A 500 32.93 -16.59 -24.65
CA SER A 500 33.80 -16.59 -23.46
C SER A 500 34.68 -15.34 -23.33
N LYS A 501 34.11 -14.27 -22.78
CA LYS A 501 34.74 -12.94 -22.77
C LYS A 501 34.85 -12.35 -21.35
N PRO A 502 36.05 -11.87 -20.96
CA PRO A 502 36.45 -11.63 -19.55
C PRO A 502 35.88 -10.37 -18.90
N ASN A 503 36.04 -10.28 -17.57
CA ASN A 503 35.67 -9.08 -16.83
C ASN A 503 36.80 -8.53 -15.96
N ARG A 504 37.15 -7.27 -16.20
CA ARG A 504 38.31 -6.61 -15.58
C ARG A 504 38.14 -6.40 -14.06
N GLU A 505 36.97 -5.98 -13.63
CA GLU A 505 36.73 -5.79 -12.20
C GLU A 505 37.06 -7.07 -11.46
N ARG A 506 36.40 -8.15 -11.85
CA ARG A 506 36.58 -9.45 -11.20
C ARG A 506 38.01 -9.98 -11.28
N GLN A 507 38.71 -9.65 -12.36
CA GLN A 507 40.12 -10.03 -12.50
C GLN A 507 40.96 -9.34 -11.42
N LYS A 508 40.89 -8.00 -11.38
CA LYS A 508 41.61 -7.21 -10.38
C LYS A 508 41.09 -7.52 -8.99
N LEU A 509 40.16 -8.47 -8.92
CA LEU A 509 39.55 -8.91 -7.67
C LEU A 509 39.90 -10.36 -7.35
N MET A 510 40.09 -11.17 -8.38
CA MET A 510 40.60 -12.52 -8.21
C MET A 510 41.98 -12.45 -7.56
N ARG A 511 42.70 -11.38 -7.89
CA ARG A 511 44.04 -11.19 -7.39
C ARG A 511 43.99 -10.51 -6.04
N GLU A 512 43.47 -9.27 -6.01
CA GLU A 512 43.55 -8.43 -4.81
C GLU A 512 42.84 -9.01 -3.59
N GLN A 513 42.08 -10.08 -3.79
CA GLN A 513 41.45 -10.77 -2.67
C GLN A 513 41.99 -12.19 -2.48
N ASN A 514 43.07 -12.53 -3.18
CA ASN A 514 43.74 -13.82 -3.04
C ASN A 514 42.88 -15.04 -3.35
N ILE A 515 42.07 -14.97 -4.41
CA ILE A 515 41.41 -16.18 -4.94
C ILE A 515 42.47 -17.00 -5.64
N LEU A 516 43.35 -16.30 -6.35
CA LEU A 516 44.38 -16.92 -7.17
C LEU A 516 45.45 -17.55 -6.31
N LYS A 517 45.82 -16.88 -5.22
CA LYS A 517 46.79 -17.39 -4.25
C LYS A 517 46.34 -18.74 -3.68
N GLN A 518 45.04 -18.86 -3.46
CA GLN A 518 44.42 -20.09 -2.99
C GLN A 518 44.52 -21.21 -4.01
N ILE A 519 44.07 -20.94 -5.23
CA ILE A 519 44.06 -21.92 -6.33
C ILE A 519 45.35 -22.73 -6.42
N PHE A 520 46.49 -22.03 -6.38
CA PHE A 520 47.80 -22.68 -6.45
C PHE A 520 48.11 -23.46 -5.18
N LYS A 521 47.80 -22.86 -4.04
CA LYS A 521 47.95 -23.54 -2.75
C LYS A 521 46.81 -24.56 -2.55
N LEU A 522 46.14 -24.90 -3.65
CA LEU A 522 45.15 -25.97 -3.69
C LEU A 522 45.64 -27.16 -4.52
N LEU A 523 46.06 -26.89 -5.75
CA LEU A 523 46.54 -27.96 -6.64
C LEU A 523 47.61 -28.80 -5.97
N GLN A 524 48.45 -28.13 -5.20
CA GLN A 524 49.64 -28.71 -4.60
C GLN A 524 49.41 -29.75 -3.50
N ALA A 525 49.96 -30.95 -3.70
CA ALA A 525 50.06 -31.99 -2.68
C ALA A 525 51.54 -32.38 -2.58
N PRO A 526 52.30 -31.68 -1.71
CA PRO A 526 53.75 -31.80 -1.64
C PRO A 526 54.32 -32.61 -0.46
N PHE A 527 55.63 -32.51 -0.29
CA PHE A 527 56.39 -33.15 0.79
C PHE A 527 55.75 -33.03 2.17
N PRO A 548 39.22 -38.69 -9.83
CA PRO A 548 39.76 -38.13 -8.60
C PRO A 548 40.01 -36.61 -8.73
N PHE A 549 40.72 -36.23 -9.79
CA PHE A 549 41.00 -34.83 -10.10
C PHE A 549 40.34 -34.38 -11.41
N ARG A 550 39.79 -35.35 -12.15
CA ARG A 550 39.14 -35.12 -13.45
C ARG A 550 38.20 -33.92 -13.47
N HIS A 551 37.82 -33.43 -12.29
CA HIS A 551 37.04 -32.21 -12.20
C HIS A 551 37.50 -31.32 -11.07
N ILE A 552 38.83 -31.12 -10.98
CA ILE A 552 39.44 -30.18 -10.04
C ILE A 552 40.60 -29.48 -10.74
N ALA A 553 41.63 -30.26 -11.03
CA ALA A 553 42.66 -29.85 -11.97
C ALA A 553 42.37 -30.66 -13.23
N ARG A 554 42.44 -30.04 -14.41
CA ARG A 554 42.79 -28.64 -14.55
C ARG A 554 41.49 -27.86 -14.71
N LEU A 555 40.65 -27.88 -13.69
CA LEU A 555 39.46 -27.03 -13.66
C LEU A 555 39.88 -25.66 -13.12
N ALA A 556 40.70 -25.70 -12.06
CA ALA A 556 41.31 -24.50 -11.49
C ALA A 556 42.14 -23.78 -12.55
N TYR A 557 42.78 -24.55 -13.43
CA TYR A 557 43.60 -24.02 -14.51
C TYR A 557 42.80 -23.40 -15.67
N ARG A 558 41.53 -23.78 -15.79
CA ARG A 558 40.62 -23.15 -16.72
C ARG A 558 40.15 -21.80 -16.13
N VAL A 559 40.03 -21.77 -14.81
CA VAL A 559 39.75 -20.55 -14.05
C VAL A 559 40.94 -19.59 -14.18
N LEU A 560 42.14 -20.13 -13.95
CA LEU A 560 43.38 -19.40 -14.22
C LEU A 560 43.39 -18.90 -15.65
N ARG A 561 43.05 -19.80 -16.59
CA ARG A 561 42.99 -19.47 -18.02
C ARG A 561 42.11 -18.26 -18.27
N HIS A 562 41.06 -18.10 -17.45
CA HIS A 562 40.19 -16.94 -17.56
C HIS A 562 40.72 -15.68 -16.94
N SER A 563 41.29 -15.82 -15.75
CA SER A 563 41.62 -14.64 -14.97
C SER A 563 42.85 -13.88 -15.47
N GLN A 564 43.61 -14.48 -16.39
CA GLN A 564 44.79 -13.82 -16.95
C GLN A 564 44.58 -13.20 -18.33
N GLN A 565 43.36 -13.37 -18.86
CA GLN A 565 42.96 -12.97 -20.23
C GLN A 565 43.09 -11.47 -20.54
N ASP A 566 43.98 -11.15 -21.48
CA ASP A 566 44.29 -9.76 -21.88
C ASP A 566 44.72 -8.84 -20.72
N TYR A 567 44.86 -9.43 -19.54
CA TYR A 567 45.28 -8.74 -18.33
C TYR A 567 46.78 -8.96 -18.11
N ARG A 568 47.57 -7.95 -18.44
CA ARG A 568 49.03 -8.05 -18.42
C ARG A 568 49.60 -8.12 -17.02
N LYS A 569 48.86 -7.59 -16.06
CA LYS A 569 49.30 -7.61 -14.67
C LYS A 569 49.01 -8.96 -14.03
N ASN A 570 47.80 -9.48 -14.24
CA ASN A 570 47.44 -10.83 -13.79
C ASN A 570 48.28 -11.92 -14.47
N GLN A 571 48.65 -11.69 -15.73
CA GLN A 571 49.53 -12.61 -16.43
C GLN A 571 50.84 -12.71 -15.68
N GLU A 572 51.42 -11.57 -15.33
CA GLU A 572 52.66 -11.51 -14.55
C GLU A 572 52.53 -12.21 -13.20
N TYR A 573 51.36 -12.09 -12.58
CA TYR A 573 51.10 -12.68 -11.27
C TYR A 573 51.03 -14.20 -11.34
N ILE A 574 50.24 -14.72 -12.27
CA ILE A 574 50.09 -16.16 -12.44
C ILE A 574 51.40 -16.79 -12.93
N ALA A 575 52.23 -15.98 -13.59
CA ALA A 575 53.55 -16.42 -14.01
C ALA A 575 54.48 -16.54 -12.82
N LYS A 576 54.39 -15.58 -11.89
CA LYS A 576 55.21 -15.60 -10.67
C LYS A 576 54.70 -16.67 -9.68
N GLN A 577 53.38 -16.78 -9.57
CA GLN A 577 52.73 -17.81 -8.75
C GLN A 577 53.01 -19.23 -9.25
N PHE A 578 53.15 -19.38 -10.57
CA PHE A 578 53.53 -20.64 -11.19
C PHE A 578 55.01 -20.89 -10.98
N GLY A 579 55.73 -19.84 -10.58
CA GLY A 579 57.15 -19.94 -10.23
C GLY A 579 57.38 -20.64 -8.90
N PHE A 580 56.49 -20.37 -7.94
CA PHE A 580 56.50 -21.07 -6.66
C PHE A 580 55.81 -22.43 -6.76
N MET A 581 54.99 -22.62 -7.80
CA MET A 581 54.23 -23.86 -7.99
C MET A 581 55.11 -25.02 -8.44
N GLN A 582 56.03 -24.73 -9.35
CA GLN A 582 56.95 -25.74 -9.86
C GLN A 582 58.07 -26.04 -8.87
N LYS A 583 58.24 -25.14 -7.89
CA LYS A 583 59.33 -25.20 -6.91
C LYS A 583 59.42 -26.54 -6.17
N GLN A 584 58.40 -27.38 -6.35
CA GLN A 584 58.38 -28.72 -5.77
C GLN A 584 59.60 -29.59 -6.16
N ILE A 585 60.08 -29.42 -7.38
CA ILE A 585 61.26 -30.14 -7.88
C ILE A 585 62.49 -29.23 -7.86
N SER B 6 -1.61 -4.23 -18.76
CA SER B 6 -2.59 -3.28 -19.37
C SER B 6 -3.16 -2.28 -18.36
N SER B 7 -4.35 -2.55 -17.83
CA SER B 7 -5.05 -1.63 -16.93
C SER B 7 -5.58 -2.35 -15.70
N PHE B 8 -5.29 -1.81 -14.52
CA PHE B 8 -5.56 -2.52 -13.27
C PHE B 8 -6.60 -1.84 -12.39
N LEU B 9 -6.90 -2.49 -11.27
CA LEU B 9 -7.81 -1.97 -10.26
C LEU B 9 -7.00 -1.50 -9.05
N HIS B 10 -7.50 -0.50 -8.34
CA HIS B 10 -6.75 0.12 -7.26
C HIS B 10 -7.58 0.38 -6.05
N ILE B 11 -6.90 0.77 -4.98
CA ILE B 11 -7.54 1.23 -3.78
C ILE B 11 -7.97 2.67 -4.03
N GLY B 12 -9.28 2.88 -4.15
CA GLY B 12 -9.80 4.19 -4.44
C GLY B 12 -10.66 4.22 -5.68
N ASP B 13 -10.36 3.34 -6.63
CA ASP B 13 -11.22 3.13 -7.80
C ASP B 13 -12.65 2.92 -7.30
N ILE B 14 -13.60 3.55 -7.96
CA ILE B 14 -15.02 3.28 -7.70
C ILE B 14 -15.55 2.41 -8.83
N ALA B 15 -15.99 1.20 -8.48
CA ALA B 15 -16.49 0.30 -9.49
C ALA B 15 -17.84 -0.23 -9.08
N SER B 16 -18.51 -0.85 -10.04
CA SER B 16 -19.70 -1.64 -9.80
C SER B 16 -19.34 -3.12 -9.92
N LEU B 17 -20.13 -3.98 -9.29
CA LEU B 17 -19.87 -5.40 -9.29
C LEU B 17 -21.07 -6.12 -9.89
N TYR B 18 -20.84 -6.79 -11.01
CA TYR B 18 -21.91 -7.42 -11.78
C TYR B 18 -21.83 -8.92 -11.65
N ALA B 19 -22.82 -9.48 -10.95
CA ALA B 19 -22.95 -10.92 -10.80
C ALA B 19 -23.12 -11.62 -12.14
N GLU B 20 -22.54 -12.81 -12.26
CA GLU B 20 -22.60 -13.57 -13.50
C GLU B 20 -22.82 -15.05 -13.24
N GLY B 21 -23.52 -15.36 -12.15
CA GLY B 21 -23.88 -16.75 -11.86
C GLY B 21 -25.10 -17.18 -12.67
N SER B 22 -26.02 -17.90 -12.02
CA SER B 22 -27.30 -18.25 -12.60
C SER B 22 -28.23 -17.02 -12.59
N THR B 23 -28.04 -16.17 -11.59
CA THR B 23 -28.65 -14.85 -11.54
C THR B 23 -27.57 -13.81 -11.84
N ASN B 24 -27.90 -12.85 -12.70
CA ASN B 24 -27.00 -11.75 -12.99
C ASN B 24 -27.54 -10.44 -12.43
N GLY B 25 -26.68 -9.45 -12.25
CA GLY B 25 -27.13 -8.14 -11.80
C GLY B 25 -26.05 -7.34 -11.11
N PHE B 26 -26.30 -6.07 -10.88
CA PHE B 26 -25.40 -5.24 -10.10
C PHE B 26 -25.86 -5.25 -8.65
N ILE B 27 -24.92 -5.23 -7.71
CA ILE B 27 -25.32 -5.20 -6.30
C ILE B 27 -25.75 -3.79 -5.98
N SER B 28 -26.80 -3.69 -5.17
CA SER B 28 -27.43 -2.40 -4.85
C SER B 28 -28.24 -2.50 -3.57
N THR B 29 -28.61 -1.33 -3.04
CA THR B 29 -29.44 -1.23 -1.83
C THR B 29 -30.90 -1.03 -2.19
N LEU B 30 -31.76 -1.16 -1.18
CA LEU B 30 -33.14 -0.76 -1.31
C LEU B 30 -33.33 0.63 -0.69
N GLY B 31 -32.24 1.23 -0.21
CA GLY B 31 -32.25 2.59 0.32
C GLY B 31 -31.45 2.79 1.60
N LEU B 32 -31.71 3.93 2.25
CA LEU B 32 -31.02 4.31 3.50
C LEU B 32 -31.83 3.96 4.75
N VAL B 33 -33.04 3.45 4.56
CA VAL B 33 -33.82 2.90 5.66
C VAL B 33 -33.49 1.41 5.82
N ASP B 34 -33.73 0.65 4.76
CA ASP B 34 -33.54 -0.79 4.76
C ASP B 34 -32.10 -1.17 4.46
N ASP B 35 -31.47 -1.87 5.41
CA ASP B 35 -30.08 -2.31 5.26
C ASP B 35 -29.97 -3.73 4.71
N ARG B 36 -30.37 -3.89 3.45
CA ARG B 36 -30.18 -5.15 2.72
C ARG B 36 -29.48 -4.92 1.39
N ALA B 37 -28.91 -5.97 0.84
CA ALA B 37 -28.21 -5.91 -0.42
C ALA B 37 -28.87 -6.84 -1.43
N VAL B 38 -28.99 -6.37 -2.67
CA VAL B 38 -29.68 -7.11 -3.74
C VAL B 38 -29.03 -6.98 -5.11
N VAL B 39 -29.41 -7.87 -6.01
CA VAL B 39 -29.19 -7.70 -7.44
C VAL B 39 -30.55 -7.62 -8.12
N GLN B 40 -30.93 -6.41 -8.55
CA GLN B 40 -32.15 -6.26 -9.34
C GLN B 40 -31.76 -6.59 -10.78
N PRO B 41 -32.13 -7.81 -11.27
CA PRO B 41 -31.57 -8.36 -12.51
C PRO B 41 -32.03 -7.65 -13.77
N GLU B 42 -33.31 -7.32 -13.84
CA GLU B 42 -33.87 -6.66 -15.02
C GLU B 42 -33.79 -5.12 -14.95
N ALA B 43 -33.10 -4.62 -13.93
CA ALA B 43 -32.89 -3.18 -13.75
C ALA B 43 -31.78 -2.65 -14.65
N GLY B 44 -30.83 -3.52 -14.97
CA GLY B 44 -29.72 -3.14 -15.83
C GLY B 44 -28.70 -4.24 -16.04
N ASP B 45 -28.17 -4.30 -17.25
CA ASP B 45 -27.13 -5.25 -17.62
C ASP B 45 -25.82 -4.50 -17.86
N LEU B 46 -24.85 -5.21 -18.46
CA LEU B 46 -23.63 -4.62 -18.99
C LEU B 46 -23.94 -3.67 -20.15
N ASN B 47 -24.61 -4.20 -21.18
CA ASN B 47 -25.01 -3.43 -22.37
C ASN B 47 -25.90 -2.24 -22.02
N ASN B 48 -27.01 -2.53 -21.34
CA ASN B 48 -27.92 -1.50 -20.85
C ASN B 48 -27.67 -1.30 -19.35
N PRO B 49 -26.94 -0.23 -18.97
CA PRO B 49 -26.68 0.07 -17.55
C PRO B 49 -27.94 0.53 -16.81
N PRO B 50 -28.08 0.17 -15.51
CA PRO B 50 -29.23 0.52 -14.67
C PRO B 50 -29.59 2.01 -14.63
N LYS B 51 -30.84 2.31 -14.29
CA LYS B 51 -31.36 3.69 -14.29
C LYS B 51 -30.81 4.51 -13.12
N LYS B 52 -30.99 4.00 -11.91
CA LYS B 52 -30.41 4.64 -10.73
C LYS B 52 -29.01 4.08 -10.39
N PHE B 53 -28.17 3.93 -11.41
CA PHE B 53 -26.83 3.31 -11.30
C PHE B 53 -25.88 3.99 -10.32
N ARG B 54 -26.38 5.01 -9.63
CA ARG B 54 -25.64 5.68 -8.57
C ARG B 54 -25.65 4.82 -7.31
N ASP B 55 -26.52 3.81 -7.29
CA ASP B 55 -26.68 2.93 -6.14
C ASP B 55 -25.93 1.59 -6.28
N ALA B 56 -25.37 1.33 -7.46
CA ALA B 56 -24.55 0.13 -7.66
C ALA B 56 -23.06 0.47 -7.72
N LEU B 57 -22.70 1.59 -7.08
CA LEU B 57 -21.33 2.02 -7.01
C LEU B 57 -20.72 1.74 -5.67
N PHE B 58 -19.54 1.12 -5.71
CA PHE B 58 -18.73 0.81 -4.53
C PHE B 58 -17.33 1.34 -4.65
N LYS B 59 -16.78 1.77 -3.53
CA LYS B 59 -15.36 2.12 -3.50
C LYS B 59 -14.61 0.90 -2.98
N LEU B 60 -13.40 0.70 -3.49
CA LEU B 60 -12.51 -0.34 -2.99
C LEU B 60 -11.67 0.23 -1.85
N ALA B 61 -11.83 -0.32 -0.65
CA ALA B 61 -11.13 0.18 0.53
C ALA B 61 -10.12 -0.84 1.03
N PRO B 62 -9.02 -0.37 1.63
CA PRO B 62 -8.06 -1.30 2.26
C PRO B 62 -8.72 -2.08 3.41
N MET B 63 -7.93 -2.91 4.08
CA MET B 63 -8.42 -3.67 5.23
C MET B 63 -8.50 -2.77 6.45
N ASN B 64 -9.69 -2.67 7.03
CA ASN B 64 -9.90 -1.82 8.20
C ASN B 64 -9.56 -2.52 9.49
N ARG B 65 -9.28 -1.74 10.53
CA ARG B 65 -8.86 -2.26 11.84
C ARG B 65 -10.03 -2.27 12.82
N TYR B 66 -10.36 -3.44 13.34
CA TYR B 66 -11.48 -3.58 14.25
C TYR B 66 -11.07 -4.40 15.45
N SER B 67 -10.13 -3.88 16.22
CA SER B 67 -9.75 -4.57 17.44
C SER B 67 -10.26 -3.81 18.63
N ALA B 68 -9.74 -2.59 18.83
CA ALA B 68 -10.12 -1.78 19.98
C ALA B 68 -11.55 -1.29 19.86
N GLN B 69 -12.05 -1.23 18.62
CA GLN B 69 -13.41 -0.82 18.34
C GLN B 69 -14.36 -1.92 18.69
N LYS B 70 -13.95 -3.16 18.43
CA LYS B 70 -14.73 -4.35 18.82
C LYS B 70 -14.78 -4.51 20.34
N GLN B 71 -13.64 -4.27 21.01
CA GLN B 71 -13.56 -4.22 22.47
C GLN B 71 -14.62 -3.31 23.06
N PHE B 72 -14.70 -2.09 22.53
CA PHE B 72 -15.63 -1.06 22.98
C PHE B 72 -17.10 -1.43 22.80
N TRP B 73 -17.39 -2.27 21.81
CA TRP B 73 -18.74 -2.77 21.65
C TRP B 73 -19.00 -3.86 22.65
N LYS B 74 -18.62 -3.62 23.91
CA LYS B 74 -19.03 -4.45 25.05
C LYS B 74 -19.61 -3.57 26.19
N ALA B 75 -20.43 -2.60 25.77
CA ALA B 75 -21.16 -1.69 26.65
C ALA B 75 -22.52 -2.27 27.03
N SER B 82 -21.34 -5.03 29.68
CA SER B 82 -20.51 -5.91 30.50
C SER B 82 -19.65 -5.14 31.52
N THR B 83 -20.00 -3.88 31.77
CA THR B 83 -19.17 -2.98 32.59
C THR B 83 -19.95 -2.03 33.51
N THR B 84 -19.55 -1.99 34.78
CA THR B 84 -20.06 -1.06 35.79
C THR B 84 -19.26 0.26 35.73
N ASP B 85 -17.98 0.12 35.44
CA ASP B 85 -17.01 1.22 35.50
C ASP B 85 -17.17 2.18 34.32
N ALA B 86 -16.89 3.45 34.57
CA ALA B 86 -17.07 4.50 33.58
C ALA B 86 -15.76 4.89 32.90
N VAL B 87 -14.69 5.01 33.69
CA VAL B 87 -13.39 5.42 33.18
C VAL B 87 -12.84 4.39 32.19
N LEU B 88 -12.97 3.11 32.54
CA LEU B 88 -12.65 2.03 31.61
C LEU B 88 -13.43 2.19 30.31
N LEU B 89 -14.71 2.55 30.41
CA LEU B 89 -15.54 2.79 29.24
C LEU B 89 -15.00 3.97 28.44
N ASN B 90 -14.58 5.03 29.13
CA ASN B 90 -13.96 6.17 28.44
C ASN B 90 -12.55 5.87 27.94
N LYS B 91 -11.84 5.00 28.66
CA LYS B 91 -10.58 4.44 28.20
C LYS B 91 -10.85 3.64 26.92
N LEU B 92 -11.74 2.65 27.03
CA LEU B 92 -12.07 1.74 25.94
C LEU B 92 -12.53 2.41 24.64
N HIS B 93 -13.30 3.48 24.78
CA HIS B 93 -13.78 4.25 23.63
C HIS B 93 -12.67 5.03 23.00
N HIS B 94 -11.86 5.69 23.82
CA HIS B 94 -10.76 6.54 23.34
C HIS B 94 -9.88 5.81 22.36
N ALA B 95 -9.64 4.53 22.65
CA ALA B 95 -8.92 3.64 21.74
C ALA B 95 -9.69 3.45 20.44
N ALA B 96 -10.95 3.03 20.55
CA ALA B 96 -11.81 2.80 19.40
C ALA B 96 -11.91 4.00 18.47
N ASP B 97 -11.61 5.18 19.00
CA ASP B 97 -11.63 6.41 18.21
C ASP B 97 -10.26 6.68 17.61
N LEU B 98 -9.21 6.42 18.40
CA LEU B 98 -7.84 6.50 17.92
C LEU B 98 -7.63 5.52 16.79
N GLU B 99 -8.13 4.29 16.99
CA GLU B 99 -8.02 3.22 16.01
C GLU B 99 -8.78 3.62 14.78
N LYS B 100 -9.99 4.10 14.99
CA LYS B 100 -10.90 4.51 13.91
C LYS B 100 -10.24 5.59 13.05
N LYS B 101 -9.45 6.46 13.67
CA LYS B 101 -8.71 7.48 12.91
C LYS B 101 -7.38 6.95 12.36
N GLN B 102 -6.81 5.94 12.99
CA GLN B 102 -5.56 5.32 12.51
C GLN B 102 -5.80 4.62 11.17
N ASN B 103 -6.98 4.02 11.04
CA ASN B 103 -7.49 3.55 9.76
C ASN B 103 -7.41 4.64 8.68
N GLU B 104 -8.02 5.79 8.97
CA GLU B 104 -8.10 6.88 7.99
C GLU B 104 -6.76 7.35 7.48
N THR B 105 -5.84 7.62 8.41
CA THR B 105 -4.45 7.97 8.11
C THR B 105 -3.87 7.01 7.09
N GLU B 106 -3.91 5.72 7.45
CA GLU B 106 -3.28 4.66 6.67
C GLU B 106 -3.96 4.39 5.32
N ASN B 107 -5.30 4.31 5.33
CA ASN B 107 -6.03 4.04 4.09
C ASN B 107 -5.77 5.11 3.03
N ARG B 108 -5.38 6.30 3.47
CA ARG B 108 -5.00 7.39 2.57
C ARG B 108 -3.65 7.10 1.92
N LYS B 109 -2.75 6.47 2.67
CA LYS B 109 -1.43 6.10 2.16
C LYS B 109 -1.56 4.99 1.09
N LEU B 110 -2.43 4.03 1.37
CA LEU B 110 -2.60 2.90 0.48
C LEU B 110 -3.46 3.28 -0.72
N LEU B 111 -3.87 4.54 -0.78
CA LEU B 111 -4.59 5.06 -1.94
C LEU B 111 -3.80 4.89 -3.24
N GLY B 112 -4.48 4.41 -4.27
CA GLY B 112 -3.88 4.32 -5.59
C GLY B 112 -3.02 3.10 -5.84
N THR B 113 -2.76 2.30 -4.81
CA THR B 113 -1.97 1.07 -5.01
C THR B 113 -2.81 -0.05 -5.65
N VAL B 114 -2.20 -0.73 -6.60
CA VAL B 114 -2.80 -1.84 -7.33
C VAL B 114 -3.19 -2.95 -6.38
N ILE B 115 -4.45 -3.36 -6.42
CA ILE B 115 -4.88 -4.54 -5.68
C ILE B 115 -4.30 -5.79 -6.35
N GLN B 116 -3.79 -6.71 -5.54
CA GLN B 116 -3.32 -8.00 -6.02
C GLN B 116 -4.33 -9.05 -5.55
N TYR B 117 -4.44 -10.15 -6.30
CA TYR B 117 -5.36 -11.23 -5.95
C TYR B 117 -5.04 -11.87 -4.63
N GLY B 118 -5.99 -11.83 -3.72
CA GLY B 118 -5.74 -12.30 -2.38
C GLY B 118 -5.08 -11.24 -1.52
N ASN B 119 -5.49 -9.98 -1.72
CA ASN B 119 -5.40 -8.98 -0.66
C ASN B 119 -6.75 -9.03 0.03
N VAL B 120 -6.91 -8.27 1.11
CA VAL B 120 -8.12 -8.38 1.92
C VAL B 120 -8.85 -7.07 2.02
N ILE B 121 -9.48 -6.65 0.92
CA ILE B 121 -10.16 -5.36 0.81
C ILE B 121 -11.58 -5.35 1.39
N GLN B 122 -12.07 -4.16 1.72
CA GLN B 122 -13.49 -3.97 2.02
C GLN B 122 -14.14 -3.20 0.88
N LEU B 123 -15.44 -3.41 0.69
CA LEU B 123 -16.16 -2.75 -0.41
C LEU B 123 -17.14 -1.75 0.12
N LEU B 124 -16.76 -0.47 0.09
CA LEU B 124 -17.63 0.61 0.56
C LEU B 124 -18.70 1.06 -0.46
N HIS B 125 -19.97 0.98 -0.05
CA HIS B 125 -21.06 1.50 -0.84
C HIS B 125 -21.07 2.99 -0.75
N LEU B 126 -20.92 3.65 -1.90
CA LEU B 126 -20.85 5.11 -1.99
C LEU B 126 -22.09 5.84 -1.49
N LYS B 127 -23.22 5.57 -2.15
CA LYS B 127 -24.49 6.27 -1.92
C LYS B 127 -25.04 6.10 -0.50
N SER B 128 -24.86 4.91 0.06
CA SER B 128 -25.31 4.63 1.43
C SER B 128 -24.22 4.95 2.44
N ASN B 129 -22.98 4.86 2.00
CA ASN B 129 -21.78 5.03 2.84
C ASN B 129 -21.53 3.91 3.86
N LYS B 130 -22.26 2.81 3.73
CA LYS B 130 -22.08 1.67 4.61
C LYS B 130 -21.12 0.64 3.96
N TYR B 131 -20.55 -0.23 4.79
CA TYR B 131 -19.71 -1.32 4.31
C TYR B 131 -20.54 -2.58 4.09
N LEU B 132 -20.34 -3.22 2.94
CA LEU B 132 -20.93 -4.50 2.62
C LEU B 132 -20.38 -5.47 3.65
N THR B 133 -21.25 -6.25 4.29
CA THR B 133 -20.81 -7.04 5.46
C THR B 133 -21.52 -8.38 5.59
N VAL B 134 -20.74 -9.44 5.76
CA VAL B 134 -21.30 -10.76 6.10
C VAL B 134 -21.48 -10.79 7.61
N ASN B 135 -22.67 -11.20 8.05
CA ASN B 135 -22.92 -11.43 9.47
C ASN B 135 -22.83 -12.92 9.81
N LYS B 136 -21.61 -13.35 10.14
CA LYS B 136 -21.23 -14.77 10.31
C LYS B 136 -22.20 -15.65 11.09
N ARG B 137 -22.83 -15.07 12.12
CA ARG B 137 -23.64 -15.82 13.06
C ARG B 137 -25.15 -15.60 12.85
N LEU B 138 -25.56 -15.57 11.59
CA LEU B 138 -26.97 -15.41 11.24
C LEU B 138 -27.41 -16.29 10.07
N PRO B 139 -28.70 -16.63 10.02
CA PRO B 139 -29.26 -17.04 8.74
C PRO B 139 -29.47 -15.83 7.84
N ALA B 140 -29.68 -16.06 6.54
CA ALA B 140 -30.13 -15.00 5.65
C ALA B 140 -31.65 -14.92 5.80
N LEU B 141 -32.26 -13.89 5.24
CA LEU B 141 -33.70 -13.69 5.41
C LEU B 141 -34.57 -14.48 4.43
N LEU B 142 -34.16 -14.49 3.16
CA LEU B 142 -34.92 -15.16 2.11
C LEU B 142 -34.40 -16.58 1.87
N GLU B 143 -33.08 -16.76 2.00
CA GLU B 143 -32.42 -18.04 1.81
C GLU B 143 -32.05 -18.61 3.18
N LYS B 144 -32.31 -19.90 3.37
CA LYS B 144 -32.19 -20.51 4.71
C LYS B 144 -30.75 -20.76 5.23
N ASN B 145 -29.89 -21.37 4.41
CA ASN B 145 -28.54 -21.74 4.82
C ASN B 145 -27.58 -20.58 4.87
N ALA B 146 -27.67 -19.72 3.86
CA ALA B 146 -26.73 -18.63 3.66
C ALA B 146 -26.73 -17.59 4.78
N MET B 147 -25.54 -17.08 5.12
CA MET B 147 -25.38 -16.05 6.15
C MET B 147 -25.95 -14.71 5.72
N ARG B 148 -26.45 -13.94 6.69
CA ARG B 148 -27.03 -12.65 6.40
C ARG B 148 -25.98 -11.59 6.02
N VAL B 149 -25.95 -11.23 4.75
CA VAL B 149 -25.11 -10.13 4.31
C VAL B 149 -25.92 -8.84 4.42
N THR B 150 -25.36 -7.88 5.16
CA THR B 150 -26.01 -6.61 5.42
C THR B 150 -25.07 -5.46 5.11
N LEU B 151 -25.56 -4.25 5.36
CA LEU B 151 -24.75 -3.06 5.24
C LEU B 151 -24.61 -2.39 6.60
N ASP B 152 -23.49 -2.62 7.26
CA ASP B 152 -23.15 -1.95 8.51
C ASP B 152 -22.40 -0.67 8.18
N GLU B 153 -22.65 0.37 8.98
CA GLU B 153 -22.08 1.70 8.77
C GLU B 153 -20.58 1.74 9.02
N ALA B 154 -20.17 1.29 10.19
CA ALA B 154 -18.78 1.39 10.62
C ALA B 154 -17.95 0.18 10.21
N GLY B 155 -18.62 -0.90 9.80
CA GLY B 155 -17.96 -2.14 9.41
C GLY B 155 -17.53 -3.01 10.58
N ASN B 156 -16.93 -4.14 10.27
CA ASN B 156 -16.34 -5.04 11.26
C ASN B 156 -15.51 -6.12 10.59
N GLU B 157 -15.10 -7.13 11.34
CA GLU B 157 -14.24 -8.17 10.77
C GLU B 157 -14.89 -8.91 9.59
N GLY B 158 -16.22 -8.96 9.58
CA GLY B 158 -16.96 -9.61 8.50
C GLY B 158 -17.24 -8.67 7.33
N SER B 159 -16.44 -7.61 7.21
CA SER B 159 -16.46 -6.74 6.04
C SER B 159 -15.12 -6.82 5.33
N TRP B 160 -14.23 -7.66 5.86
CA TRP B 160 -13.01 -8.05 5.17
C TRP B 160 -13.32 -9.06 4.10
N PHE B 161 -12.81 -8.84 2.88
CA PHE B 161 -13.01 -9.76 1.76
C PHE B 161 -11.72 -10.08 1.03
N TYR B 162 -11.37 -11.36 0.92
CA TYR B 162 -10.30 -11.78 0.02
C TYR B 162 -10.81 -11.64 -1.40
N ILE B 163 -10.10 -10.89 -2.22
CA ILE B 163 -10.47 -10.78 -3.63
C ILE B 163 -9.66 -11.80 -4.39
N GLN B 164 -10.31 -12.89 -4.81
CA GLN B 164 -9.60 -13.98 -5.49
C GLN B 164 -10.16 -14.30 -6.87
N PRO B 165 -9.30 -14.82 -7.78
CA PRO B 165 -9.68 -14.93 -9.16
C PRO B 165 -10.61 -16.12 -9.41
N PHE B 166 -11.66 -15.90 -10.21
CA PHE B 166 -12.64 -16.94 -10.49
C PHE B 166 -12.08 -17.99 -11.43
N TYR B 167 -11.90 -17.61 -12.70
CA TYR B 167 -11.22 -18.48 -13.65
C TYR B 167 -9.73 -18.33 -13.41
N LYS B 168 -8.96 -19.38 -13.69
CA LYS B 168 -7.51 -19.37 -13.47
C LYS B 168 -6.69 -18.72 -14.59
N LEU B 169 -7.32 -17.84 -15.37
CA LEU B 169 -6.63 -17.01 -16.36
C LEU B 169 -5.56 -16.16 -15.71
N ARG B 170 -5.85 -15.71 -14.47
CA ARG B 170 -4.88 -15.03 -13.60
C ARG B 170 -4.86 -15.78 -12.28
N SER B 171 -3.88 -15.50 -11.42
CA SER B 171 -3.80 -16.22 -10.15
C SER B 171 -3.30 -15.36 -8.99
N ILE B 172 -3.33 -15.94 -7.78
CA ILE B 172 -2.94 -15.23 -6.56
C ILE B 172 -1.56 -14.59 -6.67
N GLY B 173 -1.48 -13.34 -6.24
CA GLY B 173 -0.29 -12.54 -6.41
C GLY B 173 -0.46 -11.60 -7.58
N ASP B 174 -0.92 -12.16 -8.71
CA ASP B 174 -1.22 -11.43 -9.95
C ASP B 174 -2.13 -10.23 -9.71
N SER B 175 -1.84 -9.13 -10.39
CA SER B 175 -2.57 -7.88 -10.19
C SER B 175 -3.98 -7.95 -10.79
N VAL B 176 -4.96 -7.38 -10.09
CA VAL B 176 -6.34 -7.49 -10.52
C VAL B 176 -6.60 -6.51 -11.65
N VAL B 177 -6.82 -7.07 -12.83
CA VAL B 177 -7.13 -6.31 -14.04
C VAL B 177 -8.60 -5.89 -14.03
N ILE B 178 -8.95 -4.84 -14.77
CA ILE B 178 -10.34 -4.40 -14.86
C ILE B 178 -11.13 -5.42 -15.65
N GLY B 179 -12.40 -5.59 -15.26
CA GLY B 179 -13.30 -6.54 -15.91
C GLY B 179 -13.25 -7.93 -15.30
N ASP B 180 -12.10 -8.30 -14.75
CA ASP B 180 -11.88 -9.63 -14.19
C ASP B 180 -13.05 -10.12 -13.39
N LYS B 181 -13.45 -11.36 -13.65
CA LYS B 181 -14.40 -12.06 -12.80
C LYS B 181 -13.65 -12.60 -11.59
N VAL B 182 -14.12 -12.20 -10.41
CA VAL B 182 -13.51 -12.57 -9.15
C VAL B 182 -14.56 -13.19 -8.22
N VAL B 183 -14.08 -13.92 -7.23
CA VAL B 183 -14.93 -14.31 -6.12
C VAL B 183 -14.48 -13.49 -4.93
N LEU B 184 -15.42 -12.78 -4.32
CA LEU B 184 -15.17 -12.10 -3.06
C LEU B 184 -15.50 -13.07 -1.94
N ASN B 185 -14.50 -13.34 -1.11
CA ASN B 185 -14.63 -14.32 -0.05
C ASN B 185 -14.24 -13.69 1.28
N PRO B 186 -15.18 -13.67 2.24
CA PRO B 186 -14.98 -13.05 3.55
C PRO B 186 -13.86 -13.72 4.33
N VAL B 187 -13.10 -12.93 5.09
CA VAL B 187 -11.86 -13.40 5.70
C VAL B 187 -12.07 -14.46 6.78
N ASN B 188 -13.10 -14.27 7.60
CA ASN B 188 -13.41 -15.24 8.63
C ASN B 188 -14.89 -15.57 8.61
N ALA B 189 -15.68 -14.56 8.22
CA ALA B 189 -17.15 -14.63 8.26
C ALA B 189 -17.72 -15.83 7.48
N GLY B 190 -16.85 -16.58 6.82
CA GLY B 190 -17.23 -17.85 6.21
C GLY B 190 -17.39 -17.80 4.71
N GLN B 191 -18.58 -18.19 4.26
CA GLN B 191 -18.85 -18.44 2.85
C GLN B 191 -18.75 -17.19 1.96
N PRO B 192 -18.41 -17.36 0.67
CA PRO B 192 -18.29 -16.22 -0.23
C PRO B 192 -19.64 -15.60 -0.63
N LEU B 193 -19.60 -14.35 -1.11
CA LEU B 193 -20.77 -13.63 -1.58
C LEU B 193 -21.42 -14.35 -2.73
N HIS B 194 -22.73 -14.23 -2.79
CA HIS B 194 -23.54 -14.98 -3.75
C HIS B 194 -24.85 -14.29 -4.02
N ALA B 195 -25.13 -14.07 -5.29
CA ALA B 195 -26.35 -13.40 -5.71
C ALA B 195 -27.48 -14.42 -5.87
N SER B 196 -28.58 -14.21 -5.15
CA SER B 196 -29.60 -15.23 -4.91
C SER B 196 -30.40 -15.66 -6.13
N SER B 197 -31.26 -16.67 -5.91
CA SER B 197 -32.26 -17.09 -6.88
C SER B 197 -33.65 -16.83 -6.30
N HIS B 198 -33.70 -16.09 -5.19
CA HIS B 198 -34.96 -15.78 -4.52
C HIS B 198 -35.33 -14.32 -4.63
N GLN B 199 -36.48 -14.03 -5.25
CA GLN B 199 -37.02 -12.68 -5.31
C GLN B 199 -37.54 -12.27 -3.94
N LEU B 200 -37.44 -10.99 -3.62
CA LEU B 200 -37.94 -10.45 -2.36
C LEU B 200 -39.46 -10.39 -2.37
N VAL B 201 -40.05 -10.40 -1.17
CA VAL B 201 -41.50 -10.38 -1.02
C VAL B 201 -42.09 -9.06 -1.54
N ASP B 202 -41.38 -7.95 -1.34
CA ASP B 202 -41.89 -6.64 -1.66
C ASP B 202 -41.46 -6.05 -3.00
N ASN B 203 -40.23 -6.30 -3.44
CA ASN B 203 -39.72 -5.63 -4.64
C ASN B 203 -39.66 -6.48 -5.92
N GLY B 205 -38.98 -8.92 -8.23
CA GLY B 205 -37.95 -8.53 -9.18
C GLY B 205 -36.62 -8.09 -8.58
N ALA B 206 -36.35 -8.54 -7.35
CA ALA B 206 -35.10 -8.23 -6.66
C ALA B 206 -34.59 -9.45 -5.89
N ASN B 207 -33.35 -9.86 -6.16
CA ASN B 207 -32.77 -11.05 -5.54
C ASN B 207 -31.80 -10.79 -4.37
N GLU B 208 -32.03 -11.47 -3.26
CA GLU B 208 -31.27 -11.26 -2.01
C GLU B 208 -29.86 -11.85 -2.07
N VAL B 209 -28.85 -10.99 -1.94
CA VAL B 209 -27.46 -11.48 -1.93
C VAL B 209 -27.00 -11.84 -0.51
N ASN B 210 -26.35 -12.99 -0.41
CA ASN B 210 -25.99 -13.56 0.87
C ASN B 210 -24.71 -14.36 0.74
N SER B 211 -24.31 -14.98 1.84
CA SER B 211 -23.03 -15.67 1.90
C SER B 211 -23.23 -17.17 2.02
N VAL B 212 -22.95 -17.88 0.92
CA VAL B 212 -23.08 -19.34 0.80
C VAL B 212 -22.24 -19.81 -0.38
N ASN B 213 -21.57 -20.96 -0.23
CA ASN B 213 -20.76 -21.52 -1.31
C ASN B 213 -21.56 -21.84 -2.59
N ALA B 214 -21.38 -21.02 -3.62
CA ALA B 214 -22.03 -21.21 -4.92
C ALA B 214 -21.13 -20.71 -6.03
N ASN B 215 -21.45 -21.04 -7.28
CA ASN B 215 -20.58 -20.69 -8.41
C ASN B 215 -20.89 -19.32 -9.06
N THR B 216 -20.94 -18.28 -8.23
CA THR B 216 -21.18 -16.92 -8.73
C THR B 216 -19.85 -16.25 -9.00
N SER B 217 -19.78 -15.55 -10.13
CA SER B 217 -18.59 -14.77 -10.49
C SER B 217 -18.94 -13.29 -10.57
N TRP B 218 -18.10 -12.46 -9.97
CA TRP B 218 -18.36 -11.02 -9.91
C TRP B 218 -17.54 -10.20 -10.86
N LYS B 219 -18.19 -9.71 -11.92
CA LYS B 219 -17.53 -8.86 -12.91
C LYS B 219 -17.26 -7.48 -12.35
N ILE B 220 -16.00 -7.06 -12.40
CA ILE B 220 -15.64 -5.76 -11.85
C ILE B 220 -15.65 -4.67 -12.92
N VAL B 221 -16.78 -3.99 -13.01
CA VAL B 221 -16.98 -2.93 -13.98
C VAL B 221 -16.61 -1.57 -13.39
N LEU B 222 -15.48 -1.01 -13.84
CA LEU B 222 -14.95 0.27 -13.31
C LEU B 222 -15.87 1.41 -13.72
N PHE B 223 -16.17 2.29 -12.77
CA PHE B 223 -16.89 3.52 -13.05
C PHE B 223 -15.91 4.70 -13.09
N MET B 224 -15.39 5.09 -11.93
CA MET B 224 -14.44 6.21 -11.85
C MET B 224 -13.09 5.72 -11.34
N LYS B 225 -12.03 6.06 -12.08
CA LYS B 225 -10.66 5.76 -11.63
C LYS B 225 -10.35 6.51 -10.32
N TRP B 226 -9.34 6.05 -9.58
CA TRP B 226 -9.04 6.63 -8.27
C TRP B 226 -8.53 8.06 -8.37
N SER B 227 -8.75 8.67 -9.53
CA SER B 227 -8.43 10.08 -9.74
C SER B 227 -9.68 10.97 -9.85
N ASP B 228 -10.21 11.33 -8.68
CA ASP B 228 -11.32 12.28 -8.51
C ASP B 228 -11.03 13.24 -7.33
N ASN B 229 -10.13 14.22 -7.55
CA ASN B 229 -9.72 15.15 -6.50
C ASN B 229 -10.88 16.03 -5.97
N LYS B 230 -11.33 15.74 -4.75
CA LYS B 230 -12.54 16.37 -4.20
C LYS B 230 -12.51 16.42 -2.66
N ASP B 231 -13.00 17.51 -2.05
CA ASP B 231 -13.60 18.67 -2.74
C ASP B 231 -12.53 19.60 -3.32
N ASP B 232 -12.19 19.35 -4.59
CA ASP B 232 -11.16 20.10 -5.29
C ASP B 232 -11.48 20.28 -6.78
N ILE B 233 -12.29 19.38 -7.32
CA ILE B 233 -12.62 19.37 -8.75
C ILE B 233 -14.07 18.95 -8.97
N LEU B 234 -14.76 19.65 -9.87
CA LEU B 234 -16.07 19.21 -10.32
C LEU B 234 -15.89 18.00 -11.22
N LYS B 235 -16.35 16.84 -10.74
CA LYS B 235 -16.45 15.65 -11.56
C LYS B 235 -17.82 14.97 -11.50
N GLY B 236 -18.17 14.28 -12.58
CA GLY B 236 -19.47 13.61 -12.71
C GLY B 236 -19.99 13.03 -11.42
N GLY B 237 -21.25 13.34 -11.12
CA GLY B 237 -21.91 12.80 -9.94
C GLY B 237 -21.75 13.59 -8.66
N ASP B 238 -21.07 14.74 -8.72
CA ASP B 238 -21.08 15.68 -7.61
C ASP B 238 -22.49 16.28 -7.51
N VAL B 239 -22.89 16.68 -6.31
CA VAL B 239 -24.16 17.38 -6.13
C VAL B 239 -23.89 18.83 -5.74
N VAL B 240 -24.46 19.76 -6.52
CA VAL B 240 -24.18 21.18 -6.30
C VAL B 240 -25.44 22.02 -6.45
N ARG B 241 -25.41 23.21 -5.86
CA ARG B 241 -26.42 24.23 -6.12
C ARG B 241 -25.80 25.27 -7.05
N LEU B 242 -26.65 25.89 -7.86
CA LEU B 242 -26.20 26.91 -8.79
C LEU B 242 -26.73 28.28 -8.36
N PHE B 243 -25.93 28.97 -7.55
CA PHE B 243 -26.26 30.30 -7.06
C PHE B 243 -26.04 31.33 -8.16
N HIS B 244 -26.78 32.43 -8.11
CA HIS B 244 -26.60 33.51 -9.08
C HIS B 244 -25.71 34.59 -8.53
N ALA B 245 -24.84 35.12 -9.37
CA ALA B 245 -23.93 36.19 -8.97
C ALA B 245 -24.72 37.49 -8.74
N GLU B 246 -25.21 38.06 -9.85
CA GLU B 246 -25.93 39.33 -9.83
C GLU B 246 -27.22 39.26 -9.04
N GLN B 247 -28.15 38.40 -9.45
CA GLN B 247 -29.46 38.27 -8.80
C GLN B 247 -29.42 37.74 -7.36
N GLU B 248 -28.30 37.12 -6.99
CA GLU B 248 -28.12 36.49 -5.68
C GLU B 248 -29.23 35.50 -5.32
N LYS B 249 -29.48 34.53 -6.21
CA LYS B 249 -30.54 33.55 -6.01
C LYS B 249 -30.13 32.15 -6.43
N PHE B 250 -30.71 31.14 -5.79
CA PHE B 250 -30.39 29.75 -6.10
C PHE B 250 -31.31 29.22 -7.19
N LEU B 251 -30.71 28.51 -8.14
CA LEU B 251 -31.48 27.85 -9.18
C LEU B 251 -32.28 26.73 -8.55
N THR B 252 -33.58 26.76 -8.79
CA THR B 252 -34.53 25.86 -8.14
C THR B 252 -35.50 25.23 -9.14
N ALA B 253 -36.02 24.06 -8.76
CA ALA B 253 -36.99 23.33 -9.55
C ALA B 253 -38.12 22.84 -8.64
N ASP B 254 -39.32 23.37 -8.89
CA ASP B 254 -40.54 22.95 -8.19
C ASP B 254 -41.73 23.09 -9.12
N GLU B 255 -42.95 22.99 -8.57
CA GLU B 255 -44.17 23.14 -9.37
C GLU B 255 -44.93 24.43 -9.07
N HIS B 256 -45.52 25.00 -10.11
CA HIS B 256 -46.47 26.11 -9.98
C HIS B 256 -47.55 25.91 -11.00
N ARG B 257 -48.80 26.01 -10.56
CA ARG B 257 -49.97 25.70 -11.38
C ARG B 257 -49.87 24.27 -11.93
N LYS B 258 -49.46 23.35 -11.04
CA LYS B 258 -49.30 21.91 -11.34
C LYS B 258 -48.23 21.62 -12.41
N LYS B 259 -47.49 22.65 -12.81
CA LYS B 259 -46.47 22.55 -13.84
C LYS B 259 -45.07 22.76 -13.26
N GLN B 260 -44.16 21.84 -13.59
CA GLN B 260 -42.77 21.91 -13.14
C GLN B 260 -42.06 23.06 -13.84
N HIS B 261 -41.47 23.96 -13.06
CA HIS B 261 -40.74 25.08 -13.64
C HIS B 261 -39.39 25.27 -13.01
N VAL B 262 -38.42 25.63 -13.84
CA VAL B 262 -37.07 25.94 -13.36
C VAL B 262 -36.96 27.46 -13.22
N PHE B 263 -36.47 27.88 -12.06
CA PHE B 263 -36.46 29.30 -11.69
C PHE B 263 -35.36 29.68 -10.71
N LEU B 264 -35.10 30.98 -10.59
CA LEU B 264 -34.40 31.50 -9.43
C LEU B 264 -35.46 31.82 -8.38
N ARG B 265 -35.24 31.38 -7.15
CA ARG B 265 -36.22 31.58 -6.08
C ARG B 265 -35.90 32.86 -5.33
N THR B 266 -36.94 33.66 -5.06
CA THR B 266 -36.82 34.91 -4.31
C THR B 266 -36.80 34.61 -2.80
N THR B 267 -35.82 35.18 -2.09
CA THR B 267 -35.67 34.93 -0.66
C THR B 267 -36.04 36.14 0.20
N GLY B 268 -36.35 35.89 1.47
CA GLY B 268 -36.67 36.96 2.43
C GLY B 268 -35.80 36.93 3.67
N ARG B 269 -34.55 36.47 3.49
CA ARG B 269 -33.57 36.40 4.59
C ARG B 269 -32.55 37.53 4.50
N GLN B 270 -31.70 37.64 5.51
CA GLN B 270 -30.59 38.59 5.50
C GLN B 270 -29.27 37.87 5.20
N SER B 271 -29.36 36.79 4.43
CA SER B 271 -28.19 36.02 4.00
C SER B 271 -28.59 35.19 2.79
N ALA B 272 -27.91 35.42 1.67
CA ALA B 272 -28.26 34.78 0.41
C ALA B 272 -27.89 33.28 0.34
N THR B 273 -26.77 32.91 0.94
CA THR B 273 -26.30 31.51 0.97
C THR B 273 -27.06 30.67 2.00
N SER B 274 -27.80 31.34 2.87
CA SER B 274 -28.60 30.66 3.90
C SER B 274 -29.92 30.11 3.34
N ALA B 275 -30.34 30.64 2.19
CA ALA B 275 -31.60 30.24 1.57
C ALA B 275 -31.59 28.79 1.07
N THR B 276 -30.57 28.04 1.48
CA THR B 276 -30.43 26.61 1.13
C THR B 276 -31.74 25.84 1.17
N SER B 277 -31.95 25.02 0.14
CA SER B 277 -33.17 24.26 -0.03
C SER B 277 -32.84 22.98 -0.80
N SER B 278 -33.56 21.90 -0.50
CA SER B 278 -33.38 20.61 -1.17
C SER B 278 -33.75 20.66 -2.66
N LYS B 279 -34.83 21.37 -2.98
CA LYS B 279 -35.29 21.54 -4.36
C LYS B 279 -34.33 22.40 -5.21
N ALA B 280 -33.23 22.82 -4.62
CA ALA B 280 -32.26 23.66 -5.30
C ALA B 280 -31.03 22.87 -5.73
N LEU B 281 -31.01 21.58 -5.38
CA LEU B 281 -29.81 20.74 -5.57
C LEU B 281 -29.81 20.00 -6.91
N TRP B 282 -28.62 19.88 -7.52
CA TRP B 282 -28.46 19.22 -8.81
C TRP B 282 -27.27 18.29 -8.84
N GLU B 283 -27.45 17.12 -9.44
CA GLU B 283 -26.36 16.18 -9.66
C GLU B 283 -25.67 16.46 -10.99
N VAL B 284 -24.34 16.45 -10.97
CA VAL B 284 -23.54 16.74 -12.15
C VAL B 284 -23.33 15.51 -13.04
N GLU B 285 -23.46 15.72 -14.35
CA GLU B 285 -23.25 14.67 -15.34
C GLU B 285 -22.12 15.08 -16.29
N VAL B 286 -20.87 14.82 -15.88
CA VAL B 286 -19.73 15.02 -16.77
C VAL B 286 -19.83 14.01 -17.90
N VAL B 287 -20.49 14.41 -18.98
CA VAL B 287 -20.86 13.53 -20.10
C VAL B 287 -19.69 12.69 -20.62
N GLN B 288 -19.91 11.38 -20.73
CA GLN B 288 -18.89 10.45 -21.16
C GLN B 288 -19.32 9.73 -22.44
N HIS B 289 -18.71 8.57 -22.69
CA HIS B 289 -19.16 7.63 -23.72
C HIS B 289 -19.72 6.42 -23.02
N ASP B 290 -18.83 5.55 -22.55
CA ASP B 290 -19.24 4.46 -21.68
C ASP B 290 -19.60 5.11 -20.35
N PRO B 291 -20.68 4.63 -19.68
CA PRO B 291 -21.05 5.14 -18.34
C PRO B 291 -19.91 5.04 -17.30
N ALA B 292 -19.10 6.11 -17.21
CA ALA B 292 -17.90 6.16 -16.39
C ALA B 292 -17.71 7.54 -15.71
N ARG B 293 -16.46 7.84 -15.34
CA ARG B 293 -16.07 9.02 -14.55
C ARG B 293 -16.45 10.37 -15.14
N TRP B 299 -13.44 19.75 -17.75
CA TRP B 299 -13.31 21.18 -17.98
C TRP B 299 -13.29 21.56 -19.45
N ASN B 300 -13.14 20.57 -20.32
CA ASN B 300 -13.18 20.80 -21.78
C ASN B 300 -14.38 20.14 -22.44
N SER B 301 -14.97 19.14 -21.77
CA SER B 301 -16.16 18.45 -22.26
C SER B 301 -17.42 18.95 -21.56
N LEU B 302 -18.57 18.36 -21.94
CA LEU B 302 -19.90 18.93 -21.67
C LEU B 302 -20.64 18.29 -20.49
N PHE B 303 -21.56 19.05 -19.88
CA PHE B 303 -22.23 18.65 -18.65
C PHE B 303 -23.76 18.64 -18.74
N ARG B 304 -24.39 17.73 -18.00
CA ARG B 304 -25.84 17.67 -17.85
C ARG B 304 -26.21 17.80 -16.36
N PHE B 305 -27.29 18.51 -16.06
CA PHE B 305 -27.68 18.76 -14.67
C PHE B 305 -28.98 18.07 -14.28
N LYS B 306 -28.85 16.97 -13.54
CA LYS B 306 -29.99 16.19 -13.05
C LYS B 306 -30.51 16.79 -11.74
N HIS B 307 -31.81 17.04 -11.68
CA HIS B 307 -32.41 17.63 -10.49
C HIS B 307 -32.45 16.64 -9.35
N LEU B 308 -31.59 16.86 -8.35
CA LEU B 308 -31.35 15.89 -7.27
C LEU B 308 -32.62 15.42 -6.56
N ALA B 309 -33.64 16.28 -6.51
CA ALA B 309 -34.93 15.91 -5.91
C ALA B 309 -35.73 14.99 -6.84
N THR B 310 -36.31 15.54 -7.91
CA THR B 310 -37.22 14.78 -8.78
C THR B 310 -36.52 13.64 -9.55
N GLY B 311 -35.47 13.98 -10.30
CA GLY B 311 -34.80 13.01 -11.17
C GLY B 311 -34.76 13.44 -12.63
N HIS B 312 -35.54 14.48 -12.94
CA HIS B 312 -35.57 15.12 -14.26
C HIS B 312 -34.35 16.00 -14.48
N TYR B 313 -34.01 16.24 -15.75
CA TYR B 313 -32.79 16.98 -16.12
C TYR B 313 -33.09 18.43 -16.51
N LEU B 314 -32.04 19.19 -16.83
CA LEU B 314 -32.20 20.61 -17.15
C LEU B 314 -31.96 20.90 -18.64
N ALA B 315 -32.87 21.67 -19.24
CA ALA B 315 -32.82 21.99 -20.69
C ALA B 315 -33.65 23.24 -21.08
N ALA B 316 -33.26 23.87 -22.17
CA ALA B 316 -33.90 25.11 -22.62
C ALA B 316 -34.66 24.95 -23.94
N GLU B 317 -35.97 24.88 -23.87
CA GLU B 317 -36.82 24.81 -25.07
C GLU B 317 -37.98 25.82 -25.07
N VAL B 318 -38.02 26.65 -26.11
CA VAL B 318 -39.06 27.67 -26.35
C VAL B 318 -39.60 28.39 -25.11
N MET B 351 -36.85 36.01 -26.03
CA MET B 351 -35.79 35.02 -25.88
C MET B 351 -36.12 33.75 -26.67
N VAL B 352 -35.14 33.32 -27.47
CA VAL B 352 -35.30 32.14 -28.33
C VAL B 352 -35.69 30.87 -27.57
N TYR B 353 -35.15 30.71 -26.37
CA TYR B 353 -35.43 29.54 -25.54
C TYR B 353 -35.59 29.92 -24.06
N SER B 354 -35.96 28.93 -23.25
CA SER B 354 -36.08 29.09 -21.79
C SER B 354 -35.81 27.79 -21.05
N LEU B 355 -35.04 27.87 -19.97
CA LEU B 355 -34.69 26.72 -19.15
C LEU B 355 -35.91 26.09 -18.48
N VAL B 356 -36.16 24.81 -18.78
CA VAL B 356 -37.14 24.00 -18.05
C VAL B 356 -36.75 22.53 -17.96
N SER B 357 -37.37 21.82 -17.03
CA SER B 357 -37.10 20.41 -16.80
C SER B 357 -37.50 19.51 -17.97
N VAL B 358 -36.69 18.49 -18.24
CA VAL B 358 -37.06 17.39 -19.14
C VAL B 358 -37.03 16.08 -18.36
N PRO B 359 -38.04 15.22 -18.55
CA PRO B 359 -38.16 13.98 -17.78
C PRO B 359 -36.98 13.01 -17.93
N GLU B 360 -36.36 12.95 -19.11
CA GLU B 360 -35.18 12.11 -19.32
C GLU B 360 -33.96 12.90 -19.78
N GLY B 361 -32.78 12.47 -19.34
CA GLY B 361 -31.53 13.15 -19.64
C GLY B 361 -30.74 12.47 -20.73
N ASN B 362 -31.28 12.52 -21.94
CA ASN B 362 -30.65 11.91 -23.11
C ASN B 362 -30.67 12.85 -24.30
N ASP B 363 -31.83 13.43 -24.57
CA ASP B 363 -32.01 14.42 -25.63
C ASP B 363 -30.93 15.50 -25.55
N ILE B 364 -30.41 15.86 -26.72
CA ILE B 364 -29.26 16.75 -26.84
C ILE B 364 -29.56 18.17 -26.29
N SER B 365 -30.79 18.36 -25.79
CA SER B 365 -31.18 19.61 -25.14
C SER B 365 -30.67 19.73 -23.69
N SER B 366 -30.53 18.58 -23.02
CA SER B 366 -30.16 18.53 -21.59
C SER B 366 -28.66 18.79 -21.31
N ILE B 367 -27.92 19.10 -22.36
CA ILE B 367 -26.46 19.22 -22.29
C ILE B 367 -26.00 20.68 -22.32
N PHE B 368 -25.13 21.01 -21.37
CA PHE B 368 -24.59 22.37 -21.24
C PHE B 368 -23.07 22.39 -21.27
N GLU B 369 -22.53 23.59 -21.43
CA GLU B 369 -21.10 23.83 -21.51
C GLU B 369 -20.74 24.91 -20.52
N LEU B 370 -19.50 24.89 -20.03
CA LEU B 370 -19.09 25.84 -18.99
C LEU B 370 -18.02 26.84 -19.44
N ASP B 371 -18.06 28.02 -18.84
CA ASP B 371 -17.12 29.11 -19.14
C ASP B 371 -16.68 29.77 -17.82
N PRO B 372 -15.36 30.04 -17.65
CA PRO B 372 -14.88 30.75 -16.46
C PRO B 372 -15.31 32.21 -16.42
N VAL B 382 -11.67 22.04 -14.24
CA VAL B 382 -12.74 22.67 -13.49
C VAL B 382 -12.44 22.54 -12.00
N PRO B 383 -12.67 23.62 -11.24
CA PRO B 383 -12.48 23.54 -9.80
C PRO B 383 -13.79 23.59 -9.02
N ARG B 384 -13.78 23.04 -7.81
CA ARG B 384 -14.90 23.17 -6.89
C ARG B 384 -15.15 24.65 -6.57
N ASN B 385 -16.38 24.97 -6.19
CA ASN B 385 -16.81 26.34 -5.91
C ASN B 385 -16.37 27.34 -6.98
N SER B 386 -16.45 26.93 -8.25
CA SER B 386 -16.16 27.81 -9.40
C SER B 386 -17.34 28.73 -9.72
N TYR B 387 -17.04 29.93 -10.22
CA TYR B 387 -18.10 30.88 -10.62
C TYR B 387 -18.17 31.00 -12.14
N VAL B 388 -19.00 30.16 -12.76
CA VAL B 388 -19.01 29.99 -14.22
C VAL B 388 -20.17 30.67 -14.94
N ARG B 389 -20.01 30.80 -16.25
CA ARG B 389 -21.08 31.18 -17.18
C ARG B 389 -21.38 29.96 -18.03
N LEU B 390 -22.62 29.47 -17.98
CA LEU B 390 -22.95 28.23 -18.69
C LEU B 390 -23.69 28.42 -20.00
N ARG B 391 -23.32 27.61 -20.99
CA ARG B 391 -23.78 27.75 -22.36
C ARG B 391 -24.55 26.52 -22.81
N HIS B 392 -25.66 26.75 -23.51
CA HIS B 392 -26.50 25.67 -24.02
C HIS B 392 -26.04 25.24 -25.38
N LEU B 393 -25.69 23.96 -25.50
CA LEU B 393 -25.04 23.44 -26.70
C LEU B 393 -25.92 23.40 -27.95
N ALA B 394 -26.99 22.61 -27.89
CA ALA B 394 -27.84 22.34 -29.05
C ALA B 394 -28.51 23.58 -29.63
N THR B 395 -28.27 24.73 -29.00
CA THR B 395 -28.89 25.98 -29.40
C THR B 395 -27.88 27.12 -29.47
N ASN B 396 -26.71 26.91 -28.87
CA ASN B 396 -25.67 27.94 -28.70
C ASN B 396 -26.19 29.28 -28.16
N THR B 397 -26.46 29.30 -26.86
CA THR B 397 -26.98 30.49 -26.17
C THR B 397 -26.49 30.56 -24.72
N TRP B 398 -26.53 31.76 -24.16
CA TRP B 398 -26.01 32.02 -22.82
C TRP B 398 -27.10 32.33 -21.84
N VAL B 399 -27.18 31.50 -20.81
CA VAL B 399 -28.26 31.55 -19.81
C VAL B 399 -28.44 32.95 -19.21
N HIS B 400 -29.70 33.34 -19.03
CA HIS B 400 -30.07 34.68 -18.60
C HIS B 400 -31.30 34.65 -17.73
N SER B 401 -31.35 35.53 -16.74
CA SER B 401 -32.46 35.58 -15.78
C SER B 401 -33.41 36.73 -16.05
N THR B 402 -34.70 36.47 -15.86
CA THR B 402 -35.73 37.50 -16.05
C THR B 402 -36.44 37.87 -14.74
N ASN B 403 -37.33 38.86 -14.82
CA ASN B 403 -38.09 39.31 -13.66
C ASN B 403 -39.58 39.01 -13.72
N ILE B 404 -40.07 38.59 -14.90
CA ILE B 404 -41.45 38.13 -15.05
C ILE B 404 -41.60 36.76 -14.38
N PRO B 405 -42.30 36.73 -13.22
CA PRO B 405 -42.38 35.53 -12.39
C PRO B 405 -43.59 34.65 -12.70
N ILE B 406 -43.60 33.46 -12.11
CA ILE B 406 -44.78 32.58 -12.15
C ILE B 406 -45.13 32.01 -10.77
N LYS B 408 -46.94 34.74 -10.66
CA LYS B 408 -48.17 34.61 -11.43
C LYS B 408 -49.39 34.81 -10.53
N GLU B 409 -50.08 33.72 -10.24
CA GLU B 409 -51.30 33.72 -9.41
C GLU B 409 -51.05 34.30 -8.02
N GLU B 410 -49.84 34.09 -7.51
CA GLU B 410 -49.43 34.54 -6.18
C GLU B 410 -49.37 36.06 -6.04
N GLU B 411 -49.59 36.53 -4.81
CA GLU B 411 -49.39 37.93 -4.46
C GLU B 411 -47.97 38.11 -3.94
N LYS B 412 -47.19 38.90 -4.67
CA LYS B 412 -45.74 39.01 -4.47
C LYS B 412 -45.08 37.62 -4.49
N PRO B 413 -44.92 37.03 -5.70
CA PRO B 413 -44.44 35.65 -5.83
C PRO B 413 -42.93 35.51 -5.59
N VAL B 414 -42.39 34.32 -5.85
CA VAL B 414 -40.97 34.04 -5.59
C VAL B 414 -40.24 33.39 -6.78
N MET B 415 -41.00 32.81 -7.70
CA MET B 415 -40.45 32.02 -8.80
C MET B 415 -40.17 32.84 -10.07
N LEU B 416 -38.96 33.37 -10.17
CA LEU B 416 -38.54 34.19 -11.32
C LEU B 416 -38.03 33.32 -12.47
N LYS B 417 -38.63 33.49 -13.65
CA LYS B 417 -38.31 32.67 -14.82
C LYS B 417 -36.87 32.86 -15.30
N ILE B 418 -36.26 31.76 -15.76
CA ILE B 418 -34.94 31.81 -16.41
C ILE B 418 -35.00 31.25 -17.83
N GLY B 419 -34.56 32.05 -18.78
CA GLY B 419 -34.42 31.64 -20.17
C GLY B 419 -32.97 31.61 -20.60
N THR B 420 -32.71 32.10 -21.81
CA THR B 420 -31.35 32.20 -22.34
C THR B 420 -31.25 33.29 -23.41
N SER B 421 -30.02 33.60 -23.82
CA SER B 421 -29.78 34.65 -24.82
C SER B 421 -28.52 34.39 -25.66
N PRO B 422 -28.60 34.63 -26.98
CA PRO B 422 -27.45 34.50 -27.88
C PRO B 422 -26.34 35.49 -27.59
N LEU B 423 -26.63 36.52 -26.80
CA LEU B 423 -25.62 37.47 -26.36
C LEU B 423 -24.99 36.98 -25.05
N LYS B 424 -23.68 36.83 -25.07
CA LYS B 424 -22.92 36.40 -23.90
C LYS B 424 -22.77 37.56 -22.94
N GLU B 425 -23.25 37.38 -21.71
CA GLU B 425 -23.18 38.43 -20.70
C GLU B 425 -21.94 38.27 -19.82
N ASP B 426 -21.89 39.00 -18.71
CA ASP B 426 -20.76 38.95 -17.78
C ASP B 426 -21.26 38.71 -16.35
N LYS B 427 -22.38 39.36 -16.02
CA LYS B 427 -22.97 39.29 -14.68
C LYS B 427 -23.77 38.02 -14.44
N GLU B 428 -24.25 37.42 -15.53
CA GLU B 428 -25.09 36.24 -15.48
C GLU B 428 -24.28 34.99 -15.18
N ALA B 429 -23.37 35.10 -14.22
CA ALA B 429 -22.53 34.00 -13.79
C ALA B 429 -23.20 33.21 -12.68
N PHE B 430 -23.00 31.89 -12.69
CA PHE B 430 -23.54 31.02 -11.66
C PHE B 430 -22.42 30.47 -10.78
N ALA B 431 -22.66 30.42 -9.48
CA ALA B 431 -21.72 29.84 -8.53
C ALA B 431 -21.96 28.33 -8.38
N ILE B 432 -20.93 27.53 -8.63
CA ILE B 432 -21.03 26.07 -8.48
C ILE B 432 -20.79 25.67 -7.03
N VAL B 433 -21.75 26.00 -6.16
CA VAL B 433 -21.59 25.82 -4.72
C VAL B 433 -21.69 24.34 -4.37
N PRO B 434 -20.56 23.72 -3.96
CA PRO B 434 -20.59 22.29 -3.67
C PRO B 434 -21.45 22.01 -2.45
N VAL B 435 -22.26 20.96 -2.55
CA VAL B 435 -23.06 20.49 -1.42
C VAL B 435 -22.28 19.40 -0.69
N SER B 436 -22.49 19.29 0.62
CA SER B 436 -21.82 18.27 1.41
C SER B 436 -22.29 16.87 1.03
N PRO B 437 -21.40 15.86 1.17
CA PRO B 437 -21.73 14.46 0.91
C PRO B 437 -22.82 13.94 1.87
N ALA B 438 -22.72 14.35 3.13
CA ALA B 438 -23.65 13.93 4.18
C ALA B 438 -25.06 14.47 3.97
N GLU B 439 -25.13 15.75 3.58
CA GLU B 439 -26.39 16.44 3.32
C GLU B 439 -27.19 15.74 2.22
N VAL B 440 -26.50 15.32 1.17
CA VAL B 440 -27.11 14.56 0.11
C VAL B 440 -27.79 13.31 0.65
N ARG B 441 -27.12 12.63 1.58
CA ARG B 441 -27.65 11.40 2.22
C ARG B 441 -28.89 11.65 3.10
N ASP B 442 -28.97 12.86 3.64
CA ASP B 442 -30.14 13.27 4.43
C ASP B 442 -31.40 13.35 3.57
N LEU B 443 -31.31 14.01 2.42
CA LEU B 443 -32.40 14.00 1.43
C LEU B 443 -32.65 12.55 1.03
N ASP B 444 -31.58 11.80 0.82
CA ASP B 444 -31.68 10.40 0.42
C ASP B 444 -32.41 9.55 1.45
N PHE B 445 -32.18 9.83 2.72
CA PHE B 445 -32.88 9.12 3.77
C PHE B 445 -34.31 9.62 3.94
N ALA B 446 -34.51 10.93 3.80
CA ALA B 446 -35.83 11.52 3.95
C ALA B 446 -36.71 11.10 2.81
N ASN B 447 -36.11 11.04 1.62
CA ASN B 447 -36.82 10.64 0.42
C ASN B 447 -37.33 9.20 0.53
N ASP B 448 -36.51 8.35 1.15
CA ASP B 448 -36.88 6.97 1.44
C ASP B 448 -38.18 6.94 2.22
N ALA B 449 -38.13 7.46 3.44
CA ALA B 449 -39.26 7.47 4.37
C ALA B 449 -40.55 7.99 3.74
N SER B 450 -40.44 8.76 2.66
CA SER B 450 -41.63 9.23 1.96
C SER B 450 -42.37 8.08 1.26
N LYS B 451 -41.65 7.30 0.45
CA LYS B 451 -42.28 6.19 -0.25
C LYS B 451 -42.52 5.02 0.71
N VAL B 452 -41.72 4.94 1.77
CA VAL B 452 -41.90 3.90 2.80
C VAL B 452 -43.25 4.09 3.48
N LEU B 453 -43.53 5.32 3.91
CA LEU B 453 -44.81 5.67 4.52
C LEU B 453 -45.89 5.81 3.45
N GLY B 454 -45.45 5.91 2.19
CA GLY B 454 -46.34 5.98 1.03
C GLY B 454 -47.12 4.70 0.84
N SER B 455 -46.41 3.57 0.85
CA SER B 455 -47.02 2.25 0.71
C SER B 455 -47.98 1.91 1.86
N ILE B 456 -47.53 2.13 3.10
CA ILE B 456 -48.29 1.77 4.30
C ILE B 456 -49.58 2.59 4.48
N ALA B 457 -49.49 3.91 4.28
CA ALA B 457 -50.66 4.79 4.35
C ALA B 457 -51.60 4.59 3.16
N GLY B 458 -51.16 3.77 2.20
CA GLY B 458 -52.01 3.34 1.09
C GLY B 458 -52.51 1.93 1.32
N LYS B 459 -51.75 1.18 2.13
CA LYS B 459 -52.10 -0.20 2.50
C LYS B 459 -53.08 -0.27 3.67
N LEU B 460 -53.00 0.70 4.57
CA LEU B 460 -53.85 0.74 5.76
C LEU B 460 -55.09 1.64 5.60
N GLU B 461 -55.03 2.57 4.64
CA GLU B 461 -56.18 3.39 4.28
C GLU B 461 -57.20 2.57 3.49
N LYS B 462 -56.70 1.57 2.77
CA LYS B 462 -57.56 0.67 1.98
C LYS B 462 -57.37 -0.81 2.39
N GLY B 463 -57.73 -1.13 3.64
CA GLY B 463 -57.65 -2.49 4.15
C GLY B 463 -56.82 -2.65 5.41
N THR B 464 -56.17 -3.81 5.53
CA THR B 464 -55.32 -4.11 6.68
C THR B 464 -53.88 -4.40 6.25
N ILE B 465 -52.92 -3.88 7.00
CA ILE B 465 -51.50 -4.19 6.76
C ILE B 465 -51.12 -5.54 7.38
N THR B 466 -49.95 -6.04 7.02
CA THR B 466 -49.47 -7.32 7.56
C THR B 466 -48.69 -7.12 8.87
N GLN B 467 -48.46 -8.24 9.55
CA GLN B 467 -47.69 -8.30 10.80
C GLN B 467 -46.22 -7.95 10.57
N ASN B 468 -45.80 -8.00 9.31
CA ASN B 468 -44.43 -7.73 8.88
C ASN B 468 -44.17 -6.22 8.73
N GLU B 469 -45.26 -5.45 8.63
CA GLU B 469 -45.18 -4.04 8.29
C GLU B 469 -45.22 -3.08 9.49
N ARG B 470 -45.95 -3.44 10.53
CA ARG B 470 -45.91 -2.71 11.79
C ARG B 470 -44.49 -2.70 12.32
N ARG B 471 -43.87 -3.88 12.30
CA ARG B 471 -42.49 -4.10 12.75
C ARG B 471 -41.52 -3.01 12.25
N SER B 472 -41.73 -2.57 11.02
CA SER B 472 -40.81 -1.66 10.32
C SER B 472 -41.20 -0.18 10.41
N VAL B 473 -42.48 0.12 10.24
CA VAL B 473 -42.97 1.51 10.30
C VAL B 473 -42.77 2.06 11.69
N THR B 474 -43.10 1.26 12.70
CA THR B 474 -42.85 1.60 14.10
C THR B 474 -41.35 1.87 14.33
N LYS B 475 -40.50 0.97 13.82
CA LYS B 475 -39.04 1.17 13.83
C LYS B 475 -38.62 2.48 13.15
N LEU B 476 -39.25 2.78 12.01
CA LEU B 476 -38.95 4.00 11.22
C LEU B 476 -39.27 5.27 11.98
N LEU B 477 -40.45 5.32 12.61
CA LEU B 477 -40.88 6.50 13.36
C LEU B 477 -39.91 6.79 14.51
N GLU B 478 -39.08 5.79 14.81
CA GLU B 478 -37.99 5.95 15.78
C GLU B 478 -36.73 6.47 15.11
N ASP B 479 -36.52 6.07 13.86
CA ASP B 479 -35.37 6.51 13.06
C ASP B 479 -35.49 8.00 12.72
N LEU B 480 -36.73 8.46 12.63
CA LEU B 480 -37.01 9.86 12.32
C LEU B 480 -36.72 10.73 13.52
N VAL B 481 -37.06 10.22 14.70
CA VAL B 481 -36.79 10.91 15.97
C VAL B 481 -35.26 11.00 16.20
N TYR B 482 -34.55 9.95 15.83
CA TYR B 482 -33.09 9.92 15.90
C TYR B 482 -32.47 10.85 14.83
N PHE B 483 -33.17 11.03 13.71
CA PHE B 483 -32.75 11.95 12.64
C PHE B 483 -33.00 13.42 13.01
N VAL B 484 -34.27 13.76 13.22
CA VAL B 484 -34.70 15.16 13.38
C VAL B 484 -33.96 15.90 14.48
N THR B 485 -33.58 15.18 15.54
CA THR B 485 -32.87 15.76 16.69
C THR B 485 -31.36 15.55 16.56
N GLY B 486 -30.94 15.13 15.36
CA GLY B 486 -29.53 14.92 15.06
C GLY B 486 -28.86 14.06 16.10
N GLY B 487 -29.54 12.98 16.48
CA GLY B 487 -29.00 12.04 17.44
C GLY B 487 -28.94 12.54 18.89
N THR B 488 -30.08 12.94 19.42
CA THR B 488 -30.20 13.26 20.85
C THR B 488 -31.49 12.69 21.45
N ASN B 489 -31.99 11.62 20.83
CA ASN B 489 -33.23 10.98 21.24
C ASN B 489 -33.33 9.55 20.69
N SER B 490 -34.42 8.86 21.01
CA SER B 490 -34.63 7.49 20.53
C SER B 490 -36.10 7.08 20.62
N LEU B 495 -37.68 3.30 25.59
CA LEU B 495 -36.56 4.24 25.59
C LEU B 495 -36.38 4.91 26.96
N GLU B 496 -35.13 5.22 27.31
CA GLU B 496 -34.79 5.97 28.54
C GLU B 496 -33.82 7.14 28.25
N VAL B 497 -34.39 8.33 28.01
CA VAL B 497 -33.61 9.48 27.53
C VAL B 497 -32.90 10.27 28.64
N VAL B 498 -32.21 11.35 28.24
CA VAL B 498 -31.65 12.35 29.18
C VAL B 498 -31.95 13.80 28.72
N PHE B 499 -31.76 14.07 27.43
CA PHE B 499 -32.08 15.36 26.80
C PHE B 499 -32.88 15.18 25.49
N SER B 500 -33.23 16.29 24.86
CA SER B 500 -34.08 16.29 23.66
C SER B 500 -34.00 17.61 22.89
N LYS B 501 -32.99 17.74 22.03
CA LYS B 501 -32.70 19.01 21.33
C LYS B 501 -32.65 18.85 19.80
N PRO B 502 -33.41 19.69 19.05
CA PRO B 502 -33.78 19.47 17.64
C PRO B 502 -32.90 20.12 16.57
N ASN B 503 -32.98 19.60 15.34
CA ASN B 503 -32.19 20.12 14.24
C ASN B 503 -32.99 20.71 13.10
N ARG B 504 -32.63 21.94 12.74
CA ARG B 504 -33.34 22.75 11.75
C ARG B 504 -33.27 22.20 10.34
N GLU B 505 -32.07 21.84 9.88
CA GLU B 505 -31.90 21.38 8.50
C GLU B 505 -32.80 20.19 8.24
N ARG B 506 -32.85 19.28 9.20
CA ARG B 506 -33.75 18.14 9.12
C ARG B 506 -35.21 18.53 9.22
N GLN B 507 -35.51 19.55 10.02
CA GLN B 507 -36.88 20.07 10.09
C GLN B 507 -37.37 20.61 8.75
N LYS B 508 -36.56 21.44 8.09
CA LYS B 508 -36.87 21.94 6.74
C LYS B 508 -37.10 20.74 5.84
N LEU B 509 -36.29 19.70 6.04
CA LEU B 509 -36.38 18.50 5.24
C LEU B 509 -37.60 17.64 5.56
N MET B 510 -38.09 17.72 6.80
CA MET B 510 -39.30 16.99 7.15
C MET B 510 -40.49 17.56 6.36
N ARG B 511 -40.36 18.82 5.98
CA ARG B 511 -41.44 19.51 5.28
C ARG B 511 -41.25 19.46 3.78
N GLU B 512 -40.08 19.91 3.32
CA GLU B 512 -39.79 20.05 1.88
C GLU B 512 -39.87 18.72 1.15
N GLN B 513 -39.68 17.64 1.88
CA GLN B 513 -39.75 16.29 1.34
C GLN B 513 -41.05 15.59 1.69
N ASN B 514 -41.97 16.32 2.31
CA ASN B 514 -43.31 15.83 2.60
C ASN B 514 -43.37 14.55 3.43
N ILE B 515 -42.54 14.45 4.46
CA ILE B 515 -42.70 13.38 5.45
C ILE B 515 -43.90 13.74 6.31
N LEU B 516 -44.05 15.04 6.55
CA LEU B 516 -45.05 15.58 7.45
C LEU B 516 -46.44 15.42 6.85
N LYS B 517 -46.57 15.77 5.57
CA LYS B 517 -47.77 15.47 4.78
C LYS B 517 -48.15 14.00 4.91
N GLN B 518 -47.14 13.13 4.80
CA GLN B 518 -47.29 11.68 4.94
C GLN B 518 -47.80 11.23 6.31
N ILE B 519 -47.21 11.79 7.37
CA ILE B 519 -47.59 11.44 8.75
C ILE B 519 -49.09 11.57 8.99
N PHE B 520 -49.67 12.66 8.49
CA PHE B 520 -51.10 12.92 8.64
C PHE B 520 -51.98 12.03 7.77
N LYS B 521 -51.47 11.64 6.60
CA LYS B 521 -52.15 10.66 5.77
C LYS B 521 -52.03 9.26 6.36
N LEU B 522 -51.04 9.05 7.23
CA LEU B 522 -50.88 7.77 7.96
C LEU B 522 -51.85 7.64 9.13
N LEU B 523 -51.88 8.65 9.99
CA LEU B 523 -52.73 8.64 11.18
C LEU B 523 -54.20 8.40 10.86
N GLN B 524 -54.64 8.93 9.71
CA GLN B 524 -56.04 8.91 9.30
C GLN B 524 -56.57 7.58 8.73
N ALA B 525 -57.65 7.09 9.33
CA ALA B 525 -58.47 6.01 8.78
C ALA B 525 -59.92 6.53 8.64
N PRO B 526 -60.23 7.17 7.48
CA PRO B 526 -61.46 7.92 7.27
C PRO B 526 -62.60 7.18 6.57
N PHE B 527 -63.75 7.86 6.45
CA PHE B 527 -64.97 7.35 5.80
C PHE B 527 -64.72 6.44 4.59
N PRO B 548 -52.79 -1.89 19.19
CA PRO B 548 -53.42 -1.37 17.98
C PRO B 548 -52.73 -0.11 17.45
N PHE B 549 -52.62 0.90 18.31
CA PHE B 549 -51.85 2.12 18.02
C PHE B 549 -50.86 2.42 19.15
N ARG B 550 -50.78 1.48 20.10
CA ARG B 550 -50.04 1.62 21.36
C ARG B 550 -48.54 1.92 21.18
N HIS B 551 -48.07 1.83 19.94
CA HIS B 551 -46.74 2.32 19.59
C HIS B 551 -46.73 2.74 18.13
N ILE B 552 -47.78 3.47 17.72
CA ILE B 552 -47.89 3.94 16.34
C ILE B 552 -48.37 5.39 16.25
N ALA B 553 -49.65 5.60 16.58
CA ALA B 553 -50.26 6.91 16.42
C ALA B 553 -49.67 7.91 17.40
N ARG B 554 -49.65 7.53 18.68
CA ARG B 554 -49.09 8.36 19.72
C ARG B 554 -47.57 8.37 19.66
N LEU B 555 -47.03 7.67 18.66
CA LEU B 555 -45.61 7.71 18.37
C LEU B 555 -45.33 8.85 17.41
N ALA B 556 -46.07 8.87 16.29
CA ALA B 556 -45.92 9.89 15.25
C ALA B 556 -46.20 11.29 15.77
N TYR B 557 -47.07 11.37 16.78
CA TYR B 557 -47.44 12.65 17.43
C TYR B 557 -46.31 13.22 18.32
N ARG B 558 -45.32 12.39 18.63
CA ARG B 558 -44.10 12.85 19.27
C ARG B 558 -43.11 13.31 18.20
N VAL B 559 -43.18 12.67 17.04
CA VAL B 559 -42.36 13.04 15.87
C VAL B 559 -42.88 14.32 15.22
N LEU B 560 -44.15 14.63 15.48
CA LEU B 560 -44.72 15.94 15.15
C LEU B 560 -44.25 16.97 16.18
N ARG B 561 -44.50 16.68 17.46
CA ARG B 561 -44.09 17.51 18.59
C ARG B 561 -42.59 17.79 18.54
N HIS B 562 -41.86 16.96 17.80
CA HIS B 562 -40.43 17.13 17.61
C HIS B 562 -40.04 18.02 16.46
N SER B 563 -40.84 17.98 15.39
CA SER B 563 -40.46 18.65 14.16
C SER B 563 -40.82 20.14 14.13
N GLN B 564 -41.67 20.56 15.07
CA GLN B 564 -42.14 21.93 15.09
C GLN B 564 -41.50 22.82 16.17
N GLN B 565 -40.52 22.30 16.89
CA GLN B 565 -39.96 23.03 18.02
C GLN B 565 -38.99 24.16 17.62
N ASP B 566 -39.25 25.36 18.14
CA ASP B 566 -38.51 26.58 17.83
C ASP B 566 -38.60 26.95 16.33
N TYR B 567 -39.62 26.41 15.66
CA TYR B 567 -39.77 26.60 14.22
C TYR B 567 -41.16 27.13 13.85
N ARG B 568 -41.29 28.45 13.76
CA ARG B 568 -42.57 29.11 13.45
C ARG B 568 -43.16 28.67 12.13
N LYS B 569 -42.30 28.47 11.14
CA LYS B 569 -42.74 28.09 9.79
C LYS B 569 -43.28 26.65 9.77
N ASN B 570 -42.67 25.77 10.55
CA ASN B 570 -43.17 24.39 10.65
C ASN B 570 -44.43 24.29 11.51
N GLN B 571 -44.50 25.11 12.56
CA GLN B 571 -45.67 25.19 13.44
C GLN B 571 -46.95 25.40 12.61
N GLU B 572 -46.93 26.43 11.76
CA GLU B 572 -48.05 26.75 10.88
C GLU B 572 -48.45 25.57 10.00
N TYR B 573 -47.45 24.92 9.42
CA TYR B 573 -47.67 23.82 8.49
C TYR B 573 -48.32 22.62 9.16
N ILE B 574 -47.87 22.30 10.37
CA ILE B 574 -48.46 21.20 11.12
C ILE B 574 -49.88 21.58 11.57
N ALA B 575 -50.06 22.86 11.87
CA ALA B 575 -51.38 23.37 12.28
C ALA B 575 -52.38 23.32 11.14
N LYS B 576 -51.96 23.75 9.95
CA LYS B 576 -52.80 23.72 8.75
C LYS B 576 -53.09 22.28 8.29
N GLN B 577 -52.10 21.41 8.48
CA GLN B 577 -52.24 19.98 8.23
C GLN B 577 -53.24 19.33 9.19
N PHE B 578 -53.28 19.84 10.42
CA PHE B 578 -54.29 19.44 11.40
C PHE B 578 -55.63 20.09 11.03
N GLY B 579 -55.55 21.20 10.29
CA GLY B 579 -56.74 21.92 9.79
C GLY B 579 -57.53 21.13 8.75
N PHE B 580 -56.84 20.23 8.05
CA PHE B 580 -57.49 19.29 7.14
C PHE B 580 -57.78 17.96 7.84
N MET B 581 -56.90 17.57 8.78
CA MET B 581 -57.06 16.33 9.54
C MET B 581 -58.32 16.32 10.40
N GLN B 582 -58.71 17.49 10.90
CA GLN B 582 -59.93 17.62 11.67
C GLN B 582 -61.19 17.53 10.79
N LYS B 583 -61.02 17.72 9.48
CA LYS B 583 -62.11 17.49 8.52
C LYS B 583 -62.42 15.99 8.42
N GLN B 584 -62.98 15.49 9.52
CA GLN B 584 -63.45 14.12 9.66
C GLN B 584 -64.83 14.17 10.31
N ILE B 585 -65.04 15.21 11.12
CA ILE B 585 -66.34 15.51 11.73
C ILE B 585 -66.57 17.02 11.80
C1 I3P C . 47.75 -1.92 -15.25
C2 I3P C . 47.80 -0.39 -15.13
C3 I3P C . 48.52 0.12 -13.87
C4 I3P C . 47.94 -0.48 -12.58
C5 I3P C . 46.96 -1.61 -12.87
C6 I3P C . 47.49 -2.61 -13.90
O1 I3P C . 48.95 -2.41 -15.85
O2 I3P C . 48.42 0.18 -16.29
O3 I3P C . 49.91 -0.17 -13.94
O4 I3P C . 47.27 0.55 -11.86
O5 I3P C . 46.59 -2.31 -11.69
O6 I3P C . 46.54 -3.67 -14.05
P1 I3P C . 49.05 -2.71 -17.43
O11 I3P C . 49.22 -4.21 -17.49
O12 I3P C . 50.27 -1.94 -17.86
O13 I3P C . 47.74 -2.19 -18.00
P4 I3P C . 48.07 1.49 -10.84
O41 I3P C . 48.96 0.54 -10.06
O42 I3P C . 48.81 2.44 -11.75
O43 I3P C . 46.98 2.15 -10.02
P5 I3P C . 45.02 -2.40 -11.29
O51 I3P C . 44.96 -3.58 -10.36
O52 I3P C . 44.75 -1.07 -10.64
O53 I3P C . 44.31 -2.61 -12.61
C1 I3P D . -38.01 31.80 7.66
C2 I3P D . -37.68 32.77 6.50
C3 I3P D . -38.54 32.53 5.26
C4 I3P D . -38.31 31.13 4.67
C5 I3P D . -37.79 30.17 5.73
C6 I3P D . -38.44 30.43 7.09
O1 I3P D . -39.05 32.35 8.48
O2 I3P D . -37.83 34.13 6.92
O3 I3P D . -39.94 32.75 5.50
O4 I3P D . -37.37 31.22 3.60
O5 I3P D . -38.00 28.82 5.34
O6 I3P D . -38.11 29.36 8.00
P1 I3P D . -38.79 32.83 10.01
O11 I3P D . -38.47 31.56 10.75
O12 I3P D . -40.09 33.48 10.42
O13 I3P D . -37.63 33.79 9.91
P4 I3P D . -37.48 32.38 2.47
O41 I3P D . -38.94 32.33 2.09
O42 I3P D . -37.03 33.64 3.18
O43 I3P D . -36.54 31.95 1.37
P5 I3P D . -36.75 27.79 5.34
O51 I3P D . -37.40 26.42 5.25
O52 I3P D . -35.95 28.18 4.12
O53 I3P D . -36.06 28.05 6.66
#